data_8IQG
#
_entry.id   8IQG
#
_cell.length_a   1.00
_cell.length_b   1.00
_cell.length_c   1.00
_cell.angle_alpha   90.00
_cell.angle_beta   90.00
_cell.angle_gamma   90.00
#
_symmetry.space_group_name_H-M   'P 1'
#
loop_
_entity.id
_entity.type
_entity.pdbx_description
1 polymer 'Chromatin assembly factor 1 subunit A'
2 polymer 'Histone H3.1'
3 polymer 'Histone H4'
4 polymer 'Histone-binding protein RBBP4'
5 polymer 'Chromatin assembly factor 1 subunit B'
#
loop_
_entity_poly.entity_id
_entity_poly.type
_entity_poly.pdbx_seq_one_letter_code
_entity_poly.pdbx_strand_id
1 'polypeptide(L)'
;MLEELECGAPGARGAATAMDCKDRPAFPVKKLIQARLPFKRLNLVPKGKADDMSDDQGTSVQSKSPDLEASLDTLENNCH
VGSDIDFRPKLVNGKGPLDNFLRNRIETSIGQSTVIIDLTEDSNEQPDSLVDHNKLNSEASPSREAINGQREDTGDQQGL
LKAIQNDKLAFPGETLSDIPCKTEEEGVGCGGAGRRGDSQECSPRSCPELTSGPRMCPRKEQDSWSEAGGILFKGKVPMV
VLQDILAVRPPQIKSLPATPQGKNMTPESEVLESFPEEDSVLSHSSLSSPSSTSSPEGPPAPPKQHSSTSPFPTSTPLRR
ITKKFVKGSTEKNKLRLQRDQERLGKQLKLRAEREEKEKLKEEAKRAKEEAKKKKEEEKELKEKERREKREKDEKEKAEK
QRLKEERRKERQEALEAKLEEKRKKEEEKRLREEEKRIKAEKAEITRFFQKPKTPQAPKTLAGSCGKFAPFEIKEHMVLA
PRRRTAFHPDLCSQLDQLLQQQSGEFSFLKDLKGRQPLRSGPTHVSTRNADIFNSDVVIVERGKGDGVPERRKFGRMKLL
QFCENHRPAYWGTWNKKTALIRARDPWAQDTKLLDYEVDSDEEWEEEEPGESLSHSEGDDDDDMGEDEDEDDGFFVPHGY
LSEDEGVTEECADPENHKVRQKLKAKEWDEFLAKGKRFRVLQPVKIGCVWAADRDCAGDDLKVLQQFAACFLETLPAQEE
QTPKASKRERRDEQILAQLLPLLHGNVNGSKVIIREFQEHCRRGLLSNHTGSPRSPSTTYLHTPTPSEDAAIPSKSRLKR
LISENSVYEKRPDFRMCWYVHPQVLQSFQQEHLPVPCQWSYVTSVPSAPKEDSGSVPSTGPSQGTPISLKRKSAGSMCIT
QFMKKRRHDGQIGAEDMDGFQADTEEEEEEEGDCMIVDVPDAAEVQAPCGAASGAGGGVGVDTGKATLTSSPLGAS
;
A
2 'polypeptide(L)'
;MARTKQTARKSTGGKAPRKQLATKAARKSAPATGGVKKPHRYRPGTVALREIRRYQKSTELLIRKLPFQRLVREIAQDFK
TDLRFQSSAVMALQEACEAYLVGLFEDTNLCAIHAKRVTIMPKDIQLARRIRGERA
;
D
3 'polypeptide(L)'
;MSGRGKGGKGLGKGGAKRHRKVLRDNIQGITKPAIRRLARRGGVKRISGLIYEETRGVLKVFLENVIRDAVTYTEHAKRK
TVTAMDVVYALKRQGRTLYGFGG
;
E
4 'polypeptide(L)'
;MADKEAAFDDAVEERVINEEYKIWKKNTPFLYDLVMTHALEWPSLTAQWLPDVTRPEGKDFSIHRLVLGTHTSDEQNHLV
IASVQLPNDDAQFDASHYDSEKGEFGGFGSVSGKIEIEIKINHEGEVNRARYMPQNPCIIATKTPSSDVLVFDYTKHPSK
PDPSGECNPDLRLRGHQKEGYGLSWNPNLSGHLLSASDDHTICLWDISAVPKEGKVVDAKTIFTGHTAVVEDVSWHLLHE
SLFGSVADDQKLMIWDTRSNNTSKPSHSVDAHTAEVNCLSFNPYSEFILATGSADKTVALWDLRNLKLKLHSFESHKDEI
FQVQWSPHNETILASSGTDRRLNVWDLSKIGEEQSPEDAEDGPPELLFIHGGHTAKISDFSWNPNEPWVICSVSEDNIMQ
VWQMAENIYNDEDPEGSVDPEGQGS
;
C
5 'polypeptide(L)'
;MKVITCEIAWHNKEPVYSLDFQHGTAGRIHRLASAGVDTNVRIWKVEKGPDGKAIVEFLSNLARHTKAVNVVRFSPTGEI
LASGGDDAVILLWKVNDNKEPEQIAFQDEDEAQLNKENWTVVKTLRGHLEDVYDICWATDGNLMASASVDNTAIIWDVSK
GQKISIFNEHKSYVQGVTWDPLGQYVATLSCDRVLRVYSIQKKRVAFNVSKMLSGIGAEGEARSYRMFHDDSMKSFFRRL
SFTPDGSLLLTPAGCVESGENVMNTTYVFSRKNLKRPIAHLPCPGKATLAVRCCPVYFELRPVVETGVELMSLPYRLVFA
VASEDSVLLYDTQQSFPFGYVSNIHYHTLSDISWSSDGAFLAISSTDGYCSFVTFEKDELGIPLKEKPVLNMRTPDTAKK
TKSQTHRGSSPGPRPVEGTPASRTQDPSSPGTTPPQARQAPAPTVIRDPPSITPAVKSPLPGPSEEKTLQPSSQNTKAHP
SRRVTLNTLQAWSKTTPRRINLTPLKTDTPPSSVPTSVISTPSTEEIQSETPGDAQGSPPELKRPRLDENKGGTESLDP
;
B
#
# COMPACT_ATOMS: atom_id res chain seq x y z
N MET A 477 12.76 6.24 -7.55
CA MET A 477 13.84 5.77 -8.40
C MET A 477 15.04 5.34 -7.56
N VAL A 478 15.29 4.03 -7.52
CA VAL A 478 16.42 3.45 -6.82
C VAL A 478 17.36 2.87 -7.87
N LEU A 479 18.62 3.29 -7.84
CA LEU A 479 19.62 2.86 -8.80
C LEU A 479 20.50 1.79 -8.19
N ALA A 480 20.69 0.69 -8.91
CA ALA A 480 21.58 -0.36 -8.44
C ALA A 480 23.01 0.18 -8.38
N PRO A 481 23.80 -0.22 -7.39
CA PRO A 481 25.18 0.29 -7.29
C PRO A 481 26.01 -0.11 -8.50
N ARG A 482 26.82 0.83 -8.98
CA ARG A 482 27.68 0.55 -10.13
C ARG A 482 28.86 -0.33 -9.73
N ARG A 483 29.34 -0.21 -8.50
CA ARG A 483 30.41 -1.04 -7.98
C ARG A 483 29.89 -1.84 -6.78
N ARG A 484 30.11 -3.15 -6.82
CA ARG A 484 29.71 -4.03 -5.73
C ARG A 484 30.85 -4.35 -4.78
N THR A 485 32.02 -3.74 -4.97
CA THR A 485 33.17 -3.97 -4.12
C THR A 485 33.81 -2.64 -3.78
N ALA A 486 34.51 -2.60 -2.64
CA ALA A 486 35.20 -1.38 -2.23
C ALA A 486 36.29 -1.02 -3.23
N PHE A 487 36.43 0.28 -3.49
CA PHE A 487 37.40 0.77 -4.46
C PHE A 487 38.80 0.68 -3.85
N HIS A 488 39.62 -0.24 -4.37
CA HIS A 488 41.00 -0.39 -3.91
C HIS A 488 41.93 0.37 -4.84
N PRO A 489 42.67 1.36 -4.35
CA PRO A 489 43.56 2.11 -5.25
C PRO A 489 44.63 1.25 -5.91
N ASP A 490 45.10 0.22 -5.22
CA ASP A 490 46.14 -0.67 -5.74
C ASP A 490 45.57 -1.83 -6.56
N LEU A 491 44.25 -1.90 -6.72
CA LEU A 491 43.66 -3.02 -7.45
C LEU A 491 44.08 -3.00 -8.92
N CYS A 492 44.06 -1.82 -9.55
CA CYS A 492 44.46 -1.73 -10.95
C CYS A 492 45.94 -2.04 -11.13
N SER A 493 46.78 -1.53 -10.23
CA SER A 493 48.22 -1.81 -10.32
C SER A 493 48.50 -3.28 -10.09
N GLN A 494 47.82 -3.90 -9.11
CA GLN A 494 48.01 -5.32 -8.86
C GLN A 494 47.56 -6.16 -10.06
N LEU A 495 46.44 -5.79 -10.67
CA LEU A 495 45.97 -6.50 -11.85
C LEU A 495 46.95 -6.37 -13.00
N ASP A 496 47.49 -5.16 -13.20
CA ASP A 496 48.47 -4.96 -14.26
C ASP A 496 49.73 -5.77 -14.01
N GLN A 497 50.20 -5.81 -12.77
CA GLN A 497 51.38 -6.60 -12.45
C GLN A 497 51.14 -8.09 -12.66
N LEU A 498 49.97 -8.59 -12.24
CA LEU A 498 49.67 -10.01 -12.38
C LEU A 498 49.42 -10.38 -13.84
N LEU A 499 48.99 -9.42 -14.66
CA LEU A 499 48.73 -9.73 -16.07
C LEU A 499 50.01 -10.03 -16.83
N GLN A 500 51.14 -9.51 -16.37
CA GLN A 500 52.42 -9.76 -17.03
C GLN A 500 53.18 -10.94 -16.46
N GLN A 501 53.01 -11.21 -15.16
CA GLN A 501 53.71 -12.34 -14.55
C GLN A 501 53.25 -13.66 -15.14
N GLN A 502 51.94 -13.83 -15.33
CA GLN A 502 51.37 -15.04 -15.90
C GLN A 502 51.78 -16.29 -15.11
N SER A 503 51.72 -16.18 -13.79
CA SER A 503 52.06 -17.30 -12.91
C SER A 503 50.82 -18.12 -12.58
N GLY A 504 50.96 -19.45 -12.67
CA GLY A 504 49.84 -20.35 -12.42
C GLY A 504 49.76 -20.82 -10.99
N GLU A 505 50.50 -20.15 -10.09
CA GLU A 505 50.49 -20.55 -8.69
C GLU A 505 49.13 -20.39 -8.06
N PHE A 506 48.44 -19.29 -8.38
CA PHE A 506 47.13 -19.02 -7.78
C PHE A 506 46.06 -19.84 -8.47
N SER A 507 45.22 -20.50 -7.67
CA SER A 507 44.07 -21.26 -8.14
C SER A 507 42.83 -20.73 -7.45
N PHE A 508 41.87 -20.23 -8.24
CA PHE A 508 40.68 -19.63 -7.65
C PHE A 508 39.72 -20.71 -7.14
N LEU A 509 39.60 -21.82 -7.85
CA LEU A 509 38.66 -22.87 -7.44
C LEU A 509 39.05 -23.48 -6.10
N LYS A 510 40.34 -23.58 -5.83
CA LYS A 510 40.79 -24.12 -4.54
C LYS A 510 40.36 -23.22 -3.39
N ASP A 511 40.48 -21.90 -3.57
CA ASP A 511 40.12 -20.96 -2.51
C ASP A 511 38.62 -20.77 -2.36
N LEU A 512 37.82 -21.24 -3.32
CA LEU A 512 36.38 -21.07 -3.25
C LEU A 512 35.76 -21.93 -2.16
N LYS A 513 36.19 -23.19 -2.06
CA LYS A 513 35.62 -24.08 -1.06
C LYS A 513 36.06 -23.72 0.35
N GLY A 514 37.15 -22.98 0.51
CA GLY A 514 37.65 -22.57 1.80
C GLY A 514 37.14 -21.23 2.30
N ARG A 515 36.22 -20.59 1.59
CA ARG A 515 35.72 -19.29 2.00
C ARG A 515 34.30 -19.11 1.48
N GLN A 516 33.58 -18.18 2.09
CA GLN A 516 32.22 -17.89 1.67
C GLN A 516 32.24 -17.05 0.40
N PRO A 517 31.59 -17.48 -0.67
CA PRO A 517 31.59 -16.69 -1.91
C PRO A 517 30.92 -15.35 -1.72
N LEU A 518 31.44 -14.34 -2.42
CA LEU A 518 30.93 -12.98 -2.28
C LEU A 518 29.49 -12.90 -2.77
N ARG A 519 28.67 -12.15 -2.03
CA ARG A 519 27.26 -11.98 -2.38
C ARG A 519 26.86 -10.53 -2.15
N SER A 520 25.73 -10.16 -2.73
CA SER A 520 25.13 -8.84 -2.53
C SER A 520 23.62 -8.99 -2.39
N GLY A 521 23.02 -8.06 -1.65
CA GLY A 521 21.60 -8.07 -1.44
C GLY A 521 20.84 -7.24 -2.46
N PRO A 522 19.51 -7.30 -2.40
CA PRO A 522 18.70 -6.47 -3.30
C PRO A 522 18.90 -4.99 -3.03
N THR A 523 18.80 -4.19 -4.09
CA THR A 523 18.96 -2.74 -3.98
C THR A 523 17.65 -2.08 -3.58
N VAL A 548 -5.65 -21.73 10.65
CA VAL A 548 -4.77 -21.74 9.49
C VAL A 548 -3.31 -21.76 9.93
N PRO A 549 -2.48 -22.52 9.22
CA PRO A 549 -1.06 -22.61 9.58
C PRO A 549 -0.36 -21.26 9.44
N GLU A 550 0.72 -21.12 10.19
CA GLU A 550 1.46 -19.86 10.23
C GLU A 550 2.18 -19.61 8.90
N ARG A 551 2.46 -18.35 8.64
CA ARG A 551 3.14 -17.96 7.40
C ARG A 551 4.55 -18.52 7.34
N ARG A 552 5.26 -18.51 8.47
CA ARG A 552 6.66 -18.94 8.48
C ARG A 552 6.82 -20.40 8.07
N LYS A 553 5.78 -21.21 8.28
CA LYS A 553 5.81 -22.61 7.89
C LYS A 553 5.30 -22.83 6.46
N PHE A 554 4.92 -21.77 5.76
CA PHE A 554 4.38 -21.89 4.41
C PHE A 554 5.32 -21.42 3.32
N GLY A 555 6.23 -20.49 3.61
CA GLY A 555 7.07 -19.92 2.59
C GLY A 555 6.43 -18.72 1.90
N ARG A 556 7.24 -18.03 1.10
CA ARG A 556 6.79 -16.82 0.46
C ARG A 556 6.07 -17.14 -0.85
N MET A 557 5.14 -16.25 -1.22
CA MET A 557 4.17 -16.54 -2.26
C MET A 557 4.82 -16.49 -3.65
N LYS A 558 4.42 -17.43 -4.50
CA LYS A 558 4.95 -17.56 -5.85
C LYS A 558 4.01 -16.94 -6.86
N LEU A 559 4.57 -16.24 -7.84
CA LEU A 559 3.83 -15.73 -8.98
C LEU A 559 4.16 -16.59 -10.19
N LEU A 560 3.12 -17.06 -10.89
CA LEU A 560 3.32 -17.82 -12.12
C LEU A 560 2.33 -17.27 -13.15
N GLN A 561 2.75 -16.24 -13.86
CA GLN A 561 1.92 -15.59 -14.87
C GLN A 561 2.38 -16.03 -16.25
N PHE A 562 1.42 -16.44 -17.07
CA PHE A 562 1.71 -16.88 -18.43
C PHE A 562 0.87 -16.07 -19.41
N CYS A 563 1.42 -15.81 -20.59
CA CYS A 563 0.69 -15.00 -21.56
C CYS A 563 -0.26 -15.84 -22.39
N GLU A 564 0.10 -17.09 -22.68
CA GLU A 564 -0.66 -17.89 -23.62
C GLU A 564 -1.86 -18.61 -23.01
N ASN A 565 -2.00 -18.59 -21.69
CA ASN A 565 -3.14 -19.25 -21.05
C ASN A 565 -4.20 -18.22 -20.68
N HIS A 566 -5.47 -18.58 -20.92
CA HIS A 566 -6.56 -17.68 -20.59
C HIS A 566 -6.78 -17.58 -19.09
N ARG A 567 -6.34 -18.59 -18.34
CA ARG A 567 -6.46 -18.57 -16.89
C ARG A 567 -5.64 -17.41 -16.33
N PRO A 568 -6.12 -16.74 -15.28
CA PRO A 568 -5.36 -15.61 -14.72
C PRO A 568 -4.03 -16.03 -14.12
N ALA A 569 -3.27 -15.06 -13.63
CA ALA A 569 -1.92 -15.30 -13.15
C ALA A 569 -1.94 -15.80 -11.72
N TYR A 570 -1.53 -17.05 -11.52
CA TYR A 570 -1.45 -17.63 -10.18
C TYR A 570 -0.47 -16.82 -9.33
N TRP A 571 -0.94 -16.38 -8.17
CA TRP A 571 -0.14 -15.59 -7.24
C TRP A 571 -0.45 -16.09 -5.84
N GLY A 572 0.31 -17.08 -5.38
CA GLY A 572 0.06 -17.63 -4.06
C GLY A 572 1.10 -18.67 -3.69
N THR A 573 1.13 -18.98 -2.40
CA THR A 573 2.11 -19.91 -1.87
C THR A 573 1.89 -21.30 -2.44
N TRP A 574 2.99 -21.95 -2.81
CA TRP A 574 2.98 -23.36 -3.22
C TRP A 574 3.87 -24.13 -2.27
N ASN A 575 3.32 -25.21 -1.69
CA ASN A 575 4.00 -25.94 -0.64
C ASN A 575 4.16 -27.44 -0.93
N LYS A 576 3.61 -27.94 -2.03
CA LYS A 576 3.75 -29.36 -2.33
C LYS A 576 5.21 -29.70 -2.55
N LYS A 577 5.65 -30.79 -1.93
CA LYS A 577 7.04 -31.23 -2.00
C LYS A 577 7.11 -32.50 -2.85
N THR A 578 7.92 -32.45 -3.91
CA THR A 578 8.10 -33.59 -4.79
C THR A 578 9.58 -33.75 -5.08
N ALA A 579 10.15 -34.88 -4.66
CA ALA A 579 11.57 -35.13 -4.87
C ALA A 579 11.91 -35.42 -6.32
N LEU A 580 10.95 -35.89 -7.11
CA LEU A 580 11.23 -36.24 -8.50
C LEU A 580 11.48 -34.99 -9.34
N ILE A 581 10.77 -33.90 -9.07
CA ILE A 581 10.89 -32.68 -9.86
C ILE A 581 12.10 -31.91 -9.35
N ARG A 582 13.25 -32.15 -9.96
CA ARG A 582 14.47 -31.46 -9.59
C ARG A 582 14.73 -30.30 -10.55
N ALA A 583 15.36 -29.25 -10.01
CA ALA A 583 15.65 -28.06 -10.83
C ALA A 583 16.63 -28.37 -11.94
N ARG A 584 17.57 -29.29 -11.72
CA ARG A 584 18.53 -29.65 -12.75
C ARG A 584 17.87 -30.35 -13.94
N ASP A 585 16.62 -30.79 -13.81
CA ASP A 585 15.90 -31.44 -14.90
C ASP A 585 14.42 -31.09 -14.79
N PRO A 586 14.03 -29.93 -15.31
CA PRO A 586 12.64 -29.47 -15.13
C PRO A 586 11.60 -30.41 -15.72
N TRP A 587 11.90 -31.05 -16.84
CA TRP A 587 10.92 -31.87 -17.55
C TRP A 587 10.76 -33.26 -16.96
N ALA A 588 11.22 -33.49 -15.74
CA ALA A 588 10.96 -34.77 -15.08
C ALA A 588 9.46 -34.91 -14.85
N GLN A 589 8.98 -36.15 -14.92
CA GLN A 589 7.57 -36.45 -14.75
C GLN A 589 7.34 -37.03 -13.36
N ASP A 590 6.40 -36.42 -12.62
CA ASP A 590 6.05 -36.87 -11.28
C ASP A 590 4.54 -37.12 -11.25
N THR A 591 4.15 -38.34 -11.60
CA THR A 591 2.74 -38.70 -11.55
C THR A 591 2.26 -38.79 -10.11
N LYS A 592 0.94 -38.72 -9.95
CA LYS A 592 0.26 -38.77 -8.65
C LYS A 592 0.62 -37.59 -7.76
N LEU A 593 1.22 -36.53 -8.31
CA LEU A 593 1.49 -35.32 -7.55
C LEU A 593 0.97 -34.12 -8.31
N LEU A 594 0.99 -34.20 -9.65
CA LEU A 594 0.44 -33.15 -10.51
C LEU A 594 0.07 -33.80 -11.82
N ASP A 595 -1.23 -34.04 -12.02
CA ASP A 595 -1.70 -34.68 -13.24
C ASP A 595 -1.34 -33.83 -14.45
N TYR A 596 -0.57 -34.40 -15.37
CA TYR A 596 -0.04 -33.62 -16.49
C TYR A 596 -1.07 -33.50 -17.62
N GLU A 597 -2.26 -33.05 -17.28
CA GLU A 597 -3.29 -32.69 -18.24
C GLU A 597 -3.67 -31.24 -18.04
N VAL A 598 -3.98 -30.55 -19.14
CA VAL A 598 -4.11 -29.10 -19.11
C VAL A 598 -5.23 -28.69 -18.15
N ASP A 599 -5.00 -27.59 -17.46
CA ASP A 599 -5.99 -27.01 -16.55
C ASP A 599 -6.52 -25.66 -17.01
N SER A 600 -5.70 -24.86 -17.71
CA SER A 600 -6.16 -23.57 -18.18
C SER A 600 -7.24 -23.69 -19.24
N ASP A 601 -7.15 -24.71 -20.10
CA ASP A 601 -8.18 -24.90 -21.12
C ASP A 601 -9.55 -25.09 -20.47
N GLU A 602 -9.59 -25.77 -19.32
CA GLU A 602 -10.84 -25.89 -18.58
C GLU A 602 -11.28 -24.56 -17.99
N GLU A 603 -10.32 -23.71 -17.60
CA GLU A 603 -10.66 -22.48 -16.90
C GLU A 603 -11.50 -21.55 -17.76
N TRP A 604 -11.09 -21.34 -19.01
CA TRP A 604 -11.72 -20.32 -19.85
C TRP A 604 -11.86 -20.82 -21.29
N GLU A 605 -13.01 -21.41 -21.59
CA GLU A 605 -13.46 -21.57 -22.97
C GLU A 605 -14.44 -20.45 -23.30
N GLU A 606 -13.89 -19.23 -23.31
CA GLU A 606 -14.66 -18.01 -23.20
C GLU A 606 -15.64 -17.78 -24.35
N GLU A 607 -15.12 -17.63 -25.57
CA GLU A 607 -15.90 -17.31 -26.77
C GLU A 607 -16.96 -16.25 -26.49
N GLU A 608 -16.51 -15.08 -26.07
CA GLU A 608 -17.42 -13.98 -25.75
C GLU A 608 -16.83 -12.69 -26.30
N PRO A 609 -17.68 -11.71 -26.63
CA PRO A 609 -17.20 -10.34 -26.94
C PRO A 609 -17.05 -9.48 -25.70
N GLY A 610 -15.93 -9.66 -24.99
CA GLY A 610 -15.75 -9.02 -23.70
C GLY A 610 -14.99 -7.72 -23.69
N GLU A 611 -15.16 -6.90 -24.73
CA GLU A 611 -14.72 -5.51 -24.73
C GLU A 611 -13.20 -5.35 -24.69
N SER A 612 -12.47 -6.46 -24.53
CA SER A 612 -11.01 -6.52 -24.64
C SER A 612 -10.34 -5.36 -23.89
N LEU A 613 -10.54 -5.35 -22.56
CA LEU A 613 -10.00 -4.30 -21.71
C LEU A 613 -8.62 -4.64 -21.15
N SER A 614 -8.04 -5.77 -21.57
CA SER A 614 -6.75 -6.21 -21.03
C SER A 614 -5.69 -5.11 -21.16
N HIS A 615 -5.54 -4.54 -22.37
CA HIS A 615 -4.59 -3.47 -22.58
C HIS A 615 -4.93 -2.75 -23.88
N SER A 616 -4.30 -1.59 -24.08
CA SER A 616 -4.37 -0.74 -25.26
C SER A 616 -5.72 -0.06 -25.42
N GLU A 617 -6.69 -0.30 -24.55
CA GLU A 617 -7.99 0.36 -24.64
C GLU A 617 -8.62 0.42 -23.26
N GLY A 618 -9.44 1.44 -23.04
CA GLY A 618 -10.06 1.72 -21.75
C GLY A 618 -9.33 2.79 -20.97
N ASP A 619 -8.09 3.07 -21.32
CA ASP A 619 -7.29 4.11 -20.68
C ASP A 619 -6.97 5.27 -21.61
N ASP A 620 -6.56 4.98 -22.85
CA ASP A 620 -6.26 6.04 -23.80
C ASP A 620 -7.51 6.84 -24.17
N ASP A 621 -8.65 6.16 -24.31
CA ASP A 621 -9.89 6.83 -24.67
C ASP A 621 -10.32 7.78 -23.58
N ASP A 622 -10.80 8.97 -23.98
CA ASP A 622 -11.22 9.99 -23.04
C ASP A 622 -12.13 10.97 -23.77
N ASP A 623 -12.67 11.92 -23.01
CA ASP A 623 -13.55 12.95 -23.56
C ASP A 623 -13.47 14.16 -22.64
N MET A 624 -14.16 15.23 -23.05
CA MET A 624 -14.17 16.46 -22.27
C MET A 624 -15.49 17.20 -22.52
N GLY A 625 -15.81 18.08 -21.58
CA GLY A 625 -17.04 18.86 -21.68
C GLY A 625 -17.05 19.97 -20.66
N GLU A 626 -18.05 20.85 -20.79
CA GLU A 626 -18.20 21.98 -19.90
C GLU A 626 -19.66 22.11 -19.49
N ASP A 627 -19.88 22.70 -18.31
CA ASP A 627 -21.23 22.89 -17.80
C ASP A 627 -21.25 24.09 -16.88
N GLU A 628 -22.45 24.66 -16.69
CA GLU A 628 -22.67 25.78 -15.80
C GLU A 628 -23.85 25.49 -14.90
N ASP A 629 -23.72 25.84 -13.62
CA ASP A 629 -24.75 25.58 -12.62
C ASP A 629 -25.15 26.90 -11.98
N GLU A 630 -26.33 27.40 -12.33
CA GLU A 630 -26.87 28.63 -11.78
C GLU A 630 -28.11 28.42 -10.95
N ASP A 631 -29.15 27.78 -11.51
CA ASP A 631 -30.38 27.52 -10.76
C ASP A 631 -30.11 26.57 -9.60
N ASP A 632 -29.31 25.53 -9.82
CA ASP A 632 -28.94 24.57 -8.80
C ASP A 632 -27.51 24.88 -8.37
N GLY A 633 -27.35 25.28 -7.11
CA GLY A 633 -26.03 25.65 -6.63
C GLY A 633 -25.28 24.53 -5.93
N PHE A 634 -24.41 23.86 -6.67
CA PHE A 634 -23.53 22.83 -6.09
C PHE A 634 -22.17 23.44 -5.74
N PHE A 635 -22.20 24.47 -4.89
CA PHE A 635 -20.99 25.17 -4.48
C PHE A 635 -21.01 25.41 -2.98
N VAL A 636 -19.83 25.33 -2.37
CA VAL A 636 -19.73 25.56 -0.92
C VAL A 636 -20.16 26.97 -0.55
N PRO A 637 -19.63 28.05 -1.15
CA PRO A 637 -20.12 29.38 -0.77
C PRO A 637 -21.54 29.64 -1.24
N HIS A 638 -21.87 29.22 -2.46
CA HIS A 638 -23.25 29.38 -2.94
C HIS A 638 -24.21 28.57 -2.08
N GLY A 639 -23.82 27.35 -1.71
CA GLY A 639 -24.66 26.56 -0.82
C GLY A 639 -24.84 27.21 0.55
N TYR A 640 -23.76 27.77 1.09
CA TYR A 640 -23.87 28.48 2.36
C TYR A 640 -24.80 29.68 2.25
N LEU A 641 -24.70 30.43 1.15
CA LEU A 641 -25.59 31.57 0.95
C LEU A 641 -27.04 31.13 0.83
N SER A 642 -27.28 30.03 0.11
CA SER A 642 -28.64 29.52 -0.04
C SER A 642 -29.21 29.06 1.30
N GLU A 643 -28.40 28.39 2.11
CA GLU A 643 -28.89 27.94 3.42
C GLU A 643 -29.09 29.10 4.38
N ASP A 644 -28.26 30.14 4.26
CA ASP A 644 -28.46 31.34 5.07
C ASP A 644 -29.75 32.06 4.67
N GLU A 645 -30.04 32.12 3.38
CA GLU A 645 -31.30 32.69 2.93
C GLU A 645 -32.48 31.86 3.39
N GLY A 646 -32.37 30.53 3.32
CA GLY A 646 -33.46 29.68 3.77
C GLY A 646 -33.71 29.80 5.27
N VAL A 647 -32.65 29.76 6.07
CA VAL A 647 -32.75 29.91 7.51
C VAL A 647 -31.57 30.73 8.00
N THR A 648 -31.82 31.63 8.94
CA THR A 648 -30.78 32.52 9.46
C THR A 648 -30.52 32.34 10.95
N GLU A 649 -31.53 31.99 11.74
CA GLU A 649 -31.39 31.80 13.19
C GLU A 649 -30.89 33.06 13.88
N GLU A 650 -31.22 34.22 13.32
CA GLU A 650 -30.83 35.52 13.87
C GLU A 650 -29.32 35.62 14.06
N CYS A 651 -28.57 35.11 13.08
CA CYS A 651 -27.11 35.13 13.15
C CYS A 651 -26.57 36.43 12.55
N ALA A 652 -25.30 36.70 12.85
CA ALA A 652 -24.65 37.92 12.39
C ALA A 652 -24.13 37.74 10.96
N ASP A 653 -24.47 38.68 10.09
CA ASP A 653 -24.01 38.62 8.70
C ASP A 653 -22.49 38.69 8.59
N PRO A 654 -21.78 39.64 9.23
CA PRO A 654 -20.31 39.60 9.14
C PRO A 654 -19.72 38.32 9.70
N GLU A 655 -20.31 37.78 10.77
CA GLU A 655 -19.86 36.49 11.29
C GLU A 655 -20.07 35.39 10.26
N ASN A 656 -21.20 35.40 9.56
CA ASN A 656 -21.44 34.41 8.52
C ASN A 656 -20.44 34.54 7.38
N HIS A 657 -20.11 35.77 6.98
CA HIS A 657 -19.12 35.96 5.92
C HIS A 657 -17.74 35.48 6.36
N LYS A 658 -17.35 35.77 7.60
CA LYS A 658 -16.07 35.30 8.11
C LYS A 658 -16.05 33.78 8.18
N VAL A 659 -17.16 33.16 8.58
CA VAL A 659 -17.23 31.71 8.65
C VAL A 659 -17.12 31.11 7.25
N ARG A 660 -17.76 31.73 6.26
CA ARG A 660 -17.66 31.24 4.89
C ARG A 660 -16.23 31.33 4.38
N GLN A 661 -15.56 32.46 4.64
CA GLN A 661 -14.17 32.60 4.22
C GLN A 661 -13.27 31.58 4.90
N LYS A 662 -13.48 31.35 6.20
CA LYS A 662 -12.68 30.36 6.92
C LYS A 662 -12.94 28.95 6.39
N LEU A 663 -14.20 28.65 6.06
CA LEU A 663 -14.52 27.34 5.50
C LEU A 663 -13.87 27.14 4.14
N LYS A 664 -13.88 28.18 3.30
CA LYS A 664 -13.20 28.07 2.01
C LYS A 664 -11.70 27.87 2.19
N ALA A 665 -11.09 28.61 3.11
CA ALA A 665 -9.66 28.43 3.37
C ALA A 665 -9.36 27.03 3.89
N LYS A 666 -10.21 26.51 4.77
CA LYS A 666 -10.02 25.17 5.29
C LYS A 666 -10.17 24.11 4.20
N GLU A 667 -11.13 24.30 3.29
CA GLU A 667 -11.27 23.39 2.17
C GLU A 667 -10.04 23.42 1.27
N TRP A 668 -9.52 24.61 1.00
CA TRP A 668 -8.30 24.71 0.20
C TRP A 668 -7.12 24.04 0.89
N ASP A 669 -7.00 24.22 2.20
CA ASP A 669 -5.91 23.59 2.95
C ASP A 669 -6.05 22.08 2.93
N GLU A 670 -7.27 21.56 3.06
CA GLU A 670 -7.49 20.12 3.00
C GLU A 670 -7.14 19.59 1.62
N PHE A 671 -7.51 20.31 0.56
CA PHE A 671 -7.13 19.90 -0.79
C PHE A 671 -5.63 19.88 -0.96
N LEU A 672 -4.93 20.89 -0.42
CA LEU A 672 -3.48 20.92 -0.48
C LEU A 672 -2.87 19.75 0.26
N ALA A 673 -3.41 19.43 1.44
CA ALA A 673 -2.91 18.29 2.22
C ALA A 673 -3.18 16.98 1.49
N LYS A 674 -4.26 16.91 0.70
CA LYS A 674 -4.53 15.72 -0.09
C LYS A 674 -3.45 15.48 -1.13
N GLY A 675 -2.74 16.54 -1.54
CA GLY A 675 -1.64 16.40 -2.48
C GLY A 675 -0.44 15.70 -1.90
N LYS A 676 -0.31 15.66 -0.58
CA LYS A 676 0.79 14.95 0.06
C LYS A 676 0.66 13.44 -0.06
N ARG A 677 -0.47 12.94 -0.50
CA ARG A 677 -0.73 11.49 -0.66
C ARG A 677 -0.55 10.83 0.71
N PHE A 678 0.07 9.66 0.77
CA PHE A 678 0.28 9.00 2.05
C PHE A 678 1.26 9.80 2.91
N ARG A 679 0.91 9.95 4.19
CA ARG A 679 1.73 10.70 5.14
C ARG A 679 1.67 9.96 6.47
N VAL A 680 2.73 9.23 6.79
CA VAL A 680 2.78 8.48 8.04
C VAL A 680 2.83 9.45 9.21
N LEU A 681 1.95 9.26 10.18
CA LEU A 681 1.88 10.10 11.37
C LEU A 681 2.61 9.42 12.51
N GLN A 682 3.81 9.89 12.81
CA GLN A 682 4.58 9.32 13.90
C GLN A 682 3.91 9.65 15.23
N PRO A 683 3.65 8.65 16.08
CA PRO A 683 2.99 8.92 17.37
C PRO A 683 3.80 9.90 18.21
N VAL A 684 3.10 10.80 18.88
CA VAL A 684 3.70 11.78 19.76
C VAL A 684 3.25 11.47 21.18
N LYS A 685 4.17 10.96 21.99
CA LYS A 685 3.90 10.64 23.38
C LYS A 685 4.74 11.57 24.26
N ILE A 686 4.09 12.21 25.22
CA ILE A 686 4.75 13.16 26.12
C ILE A 686 4.59 12.66 27.54
N GLY A 687 5.71 12.59 28.27
CA GLY A 687 5.69 11.98 29.59
C GLY A 687 4.84 12.77 30.57
N CYS A 688 4.54 12.11 31.70
CA CYS A 688 3.68 12.68 32.73
C CYS A 688 4.48 13.75 33.48
N VAL A 689 4.60 14.91 32.85
CA VAL A 689 5.32 16.02 33.46
C VAL A 689 4.49 16.61 34.59
N TRP A 690 5.18 17.28 35.53
CA TRP A 690 4.52 17.96 36.62
C TRP A 690 5.17 19.31 36.84
N ALA A 691 4.39 20.26 37.34
CA ALA A 691 4.94 21.57 37.68
C ALA A 691 5.85 21.50 38.90
N ALA A 692 5.74 20.44 39.70
CA ALA A 692 6.59 20.31 40.88
C ALA A 692 8.02 20.01 40.50
N ASP A 693 8.23 19.14 39.51
CA ASP A 693 9.58 18.76 39.12
C ASP A 693 10.28 19.90 38.38
N ARG A 694 11.61 19.94 38.52
CA ARG A 694 12.43 20.95 37.86
C ARG A 694 13.43 20.37 36.89
N ASP A 695 13.58 19.05 36.81
CA ASP A 695 14.54 18.40 35.93
C ASP A 695 13.92 17.99 34.60
N CYS A 696 12.66 18.30 34.35
CA CYS A 696 12.02 17.92 33.10
C CYS A 696 12.60 18.71 31.95
N ALA A 697 12.55 18.12 30.76
CA ALA A 697 13.07 18.77 29.56
C ALA A 697 12.21 19.97 29.21
N GLY A 698 12.85 21.04 28.73
CA GLY A 698 12.13 22.25 28.38
C GLY A 698 11.26 22.09 27.16
N ASP A 699 11.61 21.17 26.26
CA ASP A 699 10.83 20.97 25.05
C ASP A 699 9.42 20.48 25.39
N ASP A 700 9.32 19.41 26.18
CA ASP A 700 8.02 18.88 26.56
C ASP A 700 7.25 19.89 27.42
N LEU A 701 7.94 20.56 28.34
CA LEU A 701 7.27 21.54 29.18
C LEU A 701 6.67 22.67 28.36
N LYS A 702 7.39 23.14 27.35
CA LYS A 702 6.86 24.21 26.51
C LYS A 702 5.72 23.71 25.61
N VAL A 703 5.91 22.55 24.99
CA VAL A 703 4.88 22.00 24.11
C VAL A 703 3.63 21.58 24.86
N LEU A 704 3.70 21.49 26.19
CA LEU A 704 2.50 21.28 26.99
C LEU A 704 1.96 22.57 27.57
N GLN A 705 2.82 23.51 27.97
CA GLN A 705 2.36 24.82 28.41
C GLN A 705 1.66 25.58 27.28
N GLN A 706 1.89 25.18 26.03
CA GLN A 706 1.12 25.75 24.94
C GLN A 706 -0.36 25.39 25.01
N PHE A 707 -0.73 24.43 25.86
CA PHE A 707 -2.13 24.02 26.06
C PHE A 707 -2.63 24.46 27.43
N ALA A 708 -2.24 25.64 27.88
CA ALA A 708 -2.60 26.10 29.22
C ALA A 708 -4.11 26.34 29.30
N ALA A 709 -4.57 26.74 30.48
CA ALA A 709 -5.98 27.02 30.73
C ALA A 709 -6.16 28.52 30.89
N CYS A 710 -6.96 29.12 30.00
CA CYS A 710 -7.20 30.55 30.01
C CYS A 710 -8.39 30.82 30.91
N PHE A 711 -8.13 31.26 32.14
CA PHE A 711 -9.19 31.46 33.11
C PHE A 711 -10.04 32.67 32.76
N LEU A 712 -11.34 32.56 33.05
CA LEU A 712 -12.31 33.62 32.77
C LEU A 712 -12.83 34.19 34.08
N GLU A 713 -13.05 35.51 34.09
CA GLU A 713 -13.54 36.19 35.28
C GLU A 713 -15.05 36.15 35.36
N ALA B 2 29.20 -16.08 -38.74
CA ALA B 2 27.97 -15.36 -38.41
C ALA B 2 26.94 -16.31 -37.80
N ARG B 3 25.77 -15.79 -37.48
CA ARG B 3 24.67 -16.57 -36.92
C ARG B 3 23.50 -16.54 -37.87
N THR B 4 23.01 -17.72 -38.25
CA THR B 4 21.85 -17.80 -39.12
C THR B 4 20.62 -17.28 -38.39
N LYS B 5 19.82 -16.50 -39.11
CA LYS B 5 18.64 -15.85 -38.55
C LYS B 5 17.41 -16.25 -39.35
N GLN B 6 16.40 -16.76 -38.66
CA GLN B 6 15.16 -17.15 -39.31
C GLN B 6 14.22 -15.96 -39.46
N THR B 7 13.14 -16.17 -40.22
CA THR B 7 12.17 -15.11 -40.44
C THR B 7 11.47 -14.74 -39.14
N ALA B 8 11.20 -13.45 -38.98
CA ALA B 8 10.53 -12.93 -37.80
C ALA B 8 9.02 -13.11 -37.97
N ARG B 9 8.40 -13.82 -37.03
CA ARG B 9 6.97 -14.08 -37.09
C ARG B 9 6.22 -12.98 -36.35
N LYS B 10 5.43 -12.21 -37.08
CA LYS B 10 4.64 -11.16 -36.47
C LYS B 10 3.59 -11.75 -35.53
N SER B 11 3.44 -11.14 -34.36
CA SER B 11 2.47 -11.58 -33.37
C SER B 11 1.70 -10.36 -32.88
N THR B 12 0.88 -10.56 -31.86
CA THR B 12 0.09 -9.47 -31.29
C THR B 12 0.20 -9.47 -29.77
N LYS B 37 -15.07 -19.10 2.59
CA LYS B 37 -14.65 -18.19 1.53
C LYS B 37 -15.57 -16.98 1.44
N LYS B 38 -16.87 -17.21 1.58
CA LYS B 38 -17.84 -16.13 1.48
C LYS B 38 -17.65 -15.05 2.54
N PRO B 39 -17.56 -15.37 3.84
CA PRO B 39 -17.39 -14.30 4.84
C PRO B 39 -15.93 -13.89 4.98
N HIS B 40 -15.63 -12.66 4.58
CA HIS B 40 -14.29 -12.10 4.78
C HIS B 40 -14.21 -11.33 6.09
N ARG B 41 -14.61 -11.99 7.18
CA ARG B 41 -14.62 -11.38 8.51
C ARG B 41 -13.23 -11.55 9.12
N TYR B 42 -12.55 -10.43 9.35
CA TYR B 42 -11.22 -10.49 9.94
C TYR B 42 -11.30 -11.08 11.35
N ARG B 43 -10.39 -12.02 11.63
CA ARG B 43 -10.39 -12.66 12.93
C ARG B 43 -10.00 -11.65 14.01
N PRO B 44 -10.70 -11.64 15.15
CA PRO B 44 -10.37 -10.68 16.20
C PRO B 44 -9.04 -10.98 16.88
N GLY B 45 -7.95 -10.78 16.16
CA GLY B 45 -6.63 -11.02 16.68
C GLY B 45 -5.63 -11.25 15.56
N THR B 46 -4.37 -10.89 15.85
CA THR B 46 -3.24 -11.16 14.97
C THR B 46 -3.45 -10.55 13.58
N VAL B 47 -3.89 -9.30 13.53
CA VAL B 47 -4.05 -8.55 12.29
C VAL B 47 -3.29 -7.24 12.47
N ALA B 48 -2.02 -7.23 12.10
CA ALA B 48 -1.17 -6.04 12.24
C ALA B 48 -1.20 -5.17 10.98
N LEU B 49 -2.40 -4.80 10.56
CA LEU B 49 -2.57 -3.97 9.37
C LEU B 49 -2.45 -2.50 9.75
N ARG B 50 -1.61 -1.77 9.02
CA ARG B 50 -1.39 -0.35 9.23
C ARG B 50 -1.38 0.39 7.91
N GLU B 51 -2.33 0.05 7.04
CA GLU B 51 -2.44 0.71 5.74
C GLU B 51 -2.80 2.19 5.92
N ILE B 52 -2.31 3.02 5.01
CA ILE B 52 -2.54 4.45 5.09
C ILE B 52 -3.08 4.97 3.76
N ARG B 53 -2.99 4.12 2.72
CA ARG B 53 -3.49 4.53 1.41
C ARG B 53 -5.00 4.73 1.43
N ARG B 54 -5.72 3.84 2.12
CA ARG B 54 -7.17 3.92 2.18
C ARG B 54 -7.68 4.98 3.15
N TYR B 55 -6.83 5.49 4.02
CA TYR B 55 -7.23 6.46 5.03
C TYR B 55 -7.16 7.89 4.53
N GLN B 56 -6.71 8.11 3.30
CA GLN B 56 -6.61 9.44 2.71
C GLN B 56 -7.47 9.51 1.45
N LYS B 57 -7.62 10.73 0.94
CA LYS B 57 -8.40 10.93 -0.27
C LYS B 57 -7.71 10.28 -1.47
N SER B 58 -8.51 9.63 -2.32
CA SER B 58 -7.96 8.92 -3.46
C SER B 58 -7.38 9.87 -4.50
N THR B 59 -7.93 11.08 -4.61
CA THR B 59 -7.51 12.09 -5.59
C THR B 59 -7.64 11.58 -7.02
N GLU B 60 -8.48 10.57 -7.25
CA GLU B 60 -8.73 10.02 -8.59
C GLU B 60 -10.24 9.97 -8.76
N LEU B 61 -10.82 11.07 -9.27
CA LEU B 61 -12.26 11.17 -9.38
C LEU B 61 -12.80 10.28 -10.48
N LEU B 62 -12.13 10.26 -11.64
CA LEU B 62 -12.48 9.51 -12.84
C LEU B 62 -13.88 9.80 -13.34
N ILE B 63 -14.58 10.78 -12.76
CA ILE B 63 -15.89 11.20 -13.23
C ILE B 63 -15.86 12.71 -13.40
N ARG B 64 -16.28 13.18 -14.57
CA ARG B 64 -16.43 14.61 -14.76
C ARG B 64 -17.52 15.14 -13.84
N LYS B 65 -17.35 16.39 -13.41
CA LYS B 65 -18.29 16.95 -12.45
C LYS B 65 -19.68 17.14 -13.06
N LEU B 66 -19.76 17.39 -14.37
CA LEU B 66 -21.07 17.64 -14.99
C LEU B 66 -21.99 16.44 -14.94
N PRO B 67 -21.59 15.23 -15.35
CA PRO B 67 -22.56 14.11 -15.34
C PRO B 67 -22.95 13.70 -13.93
N PHE B 68 -21.99 13.59 -13.01
CA PHE B 68 -22.32 13.25 -11.64
C PHE B 68 -23.21 14.32 -11.01
N GLN B 69 -22.91 15.59 -11.31
CA GLN B 69 -23.71 16.69 -10.80
C GLN B 69 -25.15 16.58 -11.29
N ARG B 70 -25.33 16.32 -12.59
CA ARG B 70 -26.67 16.18 -13.13
C ARG B 70 -27.39 14.98 -12.55
N LEU B 71 -26.67 13.88 -12.33
CA LEU B 71 -27.28 12.71 -11.72
C LEU B 71 -27.78 13.00 -10.31
N VAL B 72 -26.92 13.61 -9.49
CA VAL B 72 -27.33 13.96 -8.13
C VAL B 72 -28.49 14.95 -8.16
N ARG B 73 -28.47 15.88 -9.11
CA ARG B 73 -29.55 16.84 -9.22
C ARG B 73 -30.87 16.16 -9.54
N GLU B 74 -30.86 15.21 -10.47
CA GLU B 74 -32.10 14.52 -10.82
C GLU B 74 -32.60 13.67 -9.66
N ILE B 75 -31.69 13.01 -8.94
CA ILE B 75 -32.11 12.23 -7.77
C ILE B 75 -32.73 13.15 -6.72
N ALA B 76 -32.09 14.29 -6.46
CA ALA B 76 -32.58 15.21 -5.44
C ALA B 76 -33.94 15.78 -5.81
N GLN B 77 -34.11 16.20 -7.07
CA GLN B 77 -35.42 16.73 -7.45
C GLN B 77 -36.48 15.64 -7.46
N ASP B 78 -36.09 14.38 -7.68
CA ASP B 78 -37.04 13.30 -7.52
C ASP B 78 -37.44 13.12 -6.07
N PHE B 79 -36.49 13.33 -5.14
CA PHE B 79 -36.77 13.09 -3.73
C PHE B 79 -37.55 14.24 -3.10
N LYS B 80 -36.97 15.44 -3.08
CA LYS B 80 -37.61 16.58 -2.46
C LYS B 80 -37.09 17.85 -3.10
N THR B 81 -37.98 18.82 -3.30
CA THR B 81 -37.59 20.10 -3.87
C THR B 81 -36.81 20.93 -2.85
N ASP B 82 -35.99 21.85 -3.37
CA ASP B 82 -35.17 22.74 -2.56
C ASP B 82 -34.20 21.98 -1.66
N LEU B 83 -33.77 20.81 -2.10
CA LEU B 83 -32.78 20.02 -1.37
C LEU B 83 -31.39 20.27 -1.94
N ARG B 84 -30.91 21.49 -1.71
CA ARG B 84 -29.65 21.92 -2.30
C ARG B 84 -28.47 21.17 -1.68
N PHE B 85 -27.42 21.00 -2.48
CA PHE B 85 -26.21 20.33 -2.06
C PHE B 85 -25.04 21.30 -2.07
N GLN B 86 -23.96 20.90 -1.41
CA GLN B 86 -22.72 21.65 -1.37
C GLN B 86 -21.65 20.89 -2.14
N SER B 87 -20.66 21.63 -2.65
CA SER B 87 -19.56 20.98 -3.37
C SER B 87 -18.85 19.98 -2.47
N SER B 88 -18.75 20.27 -1.17
CA SER B 88 -18.20 19.30 -0.24
C SER B 88 -19.09 18.05 -0.17
N ALA B 89 -20.41 18.26 -0.08
CA ALA B 89 -21.32 17.12 0.00
C ALA B 89 -21.30 16.30 -1.28
N VAL B 90 -21.28 16.96 -2.43
CA VAL B 90 -21.25 16.23 -3.70
C VAL B 90 -19.93 15.50 -3.88
N MET B 91 -18.82 16.12 -3.46
CA MET B 91 -17.55 15.41 -3.52
C MET B 91 -17.55 14.21 -2.58
N ALA B 92 -18.21 14.33 -1.43
CA ALA B 92 -18.35 13.19 -0.53
C ALA B 92 -19.17 12.08 -1.19
N LEU B 93 -20.28 12.44 -1.85
CA LEU B 93 -21.03 11.47 -2.62
C LEU B 93 -20.15 10.76 -3.62
N GLN B 94 -19.38 11.53 -4.38
CA GLN B 94 -18.56 10.95 -5.43
C GLN B 94 -17.51 10.01 -4.87
N GLU B 95 -16.83 10.42 -3.81
CA GLU B 95 -15.82 9.55 -3.21
C GLU B 95 -16.44 8.28 -2.67
N ALA B 96 -17.58 8.39 -1.99
CA ALA B 96 -18.25 7.22 -1.44
C ALA B 96 -18.70 6.28 -2.55
N CYS B 97 -19.21 6.83 -3.65
CA CYS B 97 -19.72 5.98 -4.73
C CYS B 97 -18.59 5.33 -5.51
N GLU B 98 -17.48 6.04 -5.70
CA GLU B 98 -16.32 5.39 -6.32
C GLU B 98 -15.80 4.27 -5.45
N ALA B 99 -15.74 4.49 -4.13
CA ALA B 99 -15.33 3.42 -3.22
C ALA B 99 -16.30 2.24 -3.29
N TYR B 100 -17.60 2.52 -3.30
CA TYR B 100 -18.59 1.46 -3.37
C TYR B 100 -18.47 0.67 -4.66
N LEU B 101 -18.25 1.36 -5.78
CA LEU B 101 -18.16 0.66 -7.06
C LEU B 101 -16.86 -0.11 -7.21
N VAL B 102 -15.73 0.40 -6.71
CA VAL B 102 -14.52 -0.40 -6.76
C VAL B 102 -14.63 -1.60 -5.84
N GLY B 103 -15.28 -1.45 -4.69
CA GLY B 103 -15.54 -2.61 -3.85
C GLY B 103 -16.43 -3.63 -4.52
N LEU B 104 -17.48 -3.16 -5.20
CA LEU B 104 -18.35 -4.05 -5.94
C LEU B 104 -17.60 -4.78 -7.03
N PHE B 105 -16.71 -4.08 -7.75
CA PHE B 105 -15.98 -4.72 -8.83
C PHE B 105 -14.95 -5.71 -8.29
N GLU B 106 -14.34 -5.42 -7.13
CA GLU B 106 -13.48 -6.39 -6.48
C GLU B 106 -14.26 -7.63 -6.09
N ASP B 107 -15.47 -7.45 -5.55
CA ASP B 107 -16.27 -8.60 -5.15
C ASP B 107 -16.72 -9.40 -6.36
N THR B 108 -17.07 -8.73 -7.47
CA THR B 108 -17.40 -9.46 -8.69
C THR B 108 -16.19 -10.20 -9.22
N ASN B 109 -15.00 -9.62 -9.10
CA ASN B 109 -13.78 -10.33 -9.46
C ASN B 109 -13.66 -11.62 -8.65
N LEU B 110 -13.84 -11.53 -7.34
CA LEU B 110 -13.72 -12.71 -6.49
C LEU B 110 -14.77 -13.75 -6.85
N CYS B 111 -16.00 -13.31 -7.10
CA CYS B 111 -17.07 -14.24 -7.46
C CYS B 111 -16.80 -14.92 -8.79
N ALA B 112 -16.33 -14.16 -9.78
CA ALA B 112 -16.02 -14.74 -11.09
C ALA B 112 -14.87 -15.72 -11.00
N ILE B 113 -13.82 -15.38 -10.24
CA ILE B 113 -12.71 -16.30 -10.06
C ILE B 113 -13.18 -17.58 -9.39
N HIS B 114 -14.03 -17.45 -8.36
CA HIS B 114 -14.62 -18.62 -7.73
C HIS B 114 -15.48 -19.41 -8.72
N ALA B 115 -16.01 -18.75 -9.74
CA ALA B 115 -16.85 -19.39 -10.73
C ALA B 115 -16.06 -19.94 -11.92
N LYS B 116 -14.74 -19.90 -11.86
CA LYS B 116 -13.88 -20.41 -12.93
C LYS B 116 -14.15 -19.69 -14.24
N ARG B 117 -14.07 -18.37 -14.20
CA ARG B 117 -14.32 -17.53 -15.36
C ARG B 117 -13.79 -16.14 -15.07
N VAL B 118 -13.00 -15.59 -15.99
CA VAL B 118 -12.36 -14.31 -15.72
C VAL B 118 -13.26 -13.14 -16.10
N THR B 119 -14.10 -13.30 -17.12
CA THR B 119 -14.96 -12.21 -17.57
C THR B 119 -16.11 -12.00 -16.60
N ILE B 120 -16.35 -10.74 -16.23
CA ILE B 120 -17.53 -10.44 -15.44
C ILE B 120 -18.78 -10.60 -16.30
N MET B 121 -19.90 -10.78 -15.63
CA MET B 121 -21.22 -10.79 -16.23
C MET B 121 -22.16 -10.11 -15.25
N PRO B 122 -23.33 -9.66 -15.71
CA PRO B 122 -24.29 -9.10 -14.75
C PRO B 122 -24.57 -10.03 -13.58
N LYS B 123 -24.79 -11.33 -13.86
CA LYS B 123 -25.07 -12.26 -12.77
C LYS B 123 -23.98 -12.22 -11.72
N ASP B 124 -22.73 -11.93 -12.11
CA ASP B 124 -21.68 -11.73 -11.13
C ASP B 124 -21.91 -10.45 -10.31
N ILE B 125 -22.49 -9.42 -10.92
CA ILE B 125 -22.78 -8.19 -10.19
C ILE B 125 -23.83 -8.44 -9.11
N GLN B 126 -24.95 -9.09 -9.49
CA GLN B 126 -25.93 -9.46 -8.47
C GLN B 126 -25.36 -10.43 -7.43
N LEU B 127 -24.50 -11.36 -7.83
CA LEU B 127 -23.91 -12.26 -6.84
C LEU B 127 -23.06 -11.51 -5.83
N ALA B 128 -22.24 -10.57 -6.30
CA ALA B 128 -21.44 -9.77 -5.38
C ALA B 128 -22.32 -8.91 -4.47
N ARG B 129 -23.39 -8.33 -5.04
CA ARG B 129 -24.29 -7.51 -4.23
C ARG B 129 -24.96 -8.35 -3.15
N ARG B 130 -25.40 -9.56 -3.49
CA ARG B 130 -26.03 -10.42 -2.49
C ARG B 130 -25.03 -10.94 -1.48
N ILE B 131 -23.77 -11.11 -1.87
CA ILE B 131 -22.75 -11.53 -0.92
C ILE B 131 -22.47 -10.42 0.08
N ARG B 132 -22.45 -9.16 -0.40
CA ARG B 132 -22.21 -8.05 0.51
C ARG B 132 -23.34 -7.83 1.50
N GLY B 133 -24.49 -8.47 1.31
CA GLY B 133 -25.60 -8.34 2.22
C GLY B 133 -26.53 -7.18 1.93
N GLU B 134 -26.22 -6.36 0.93
CA GLU B 134 -27.07 -5.23 0.56
C GLU B 134 -28.15 -5.60 -0.43
N ARG B 135 -28.22 -6.87 -0.83
CA ARG B 135 -29.24 -7.32 -1.77
C ARG B 135 -30.17 -8.36 -1.12
N ARG C 24 -32.71 16.12 -15.25
CA ARG C 24 -33.82 15.62 -16.07
C ARG C 24 -33.84 14.10 -16.10
N ASP C 25 -33.26 13.52 -17.14
CA ASP C 25 -33.21 12.07 -17.32
C ASP C 25 -31.82 11.64 -17.79
N ASN C 26 -30.78 12.18 -17.15
CA ASN C 26 -29.40 11.91 -17.54
C ASN C 26 -28.87 10.66 -16.82
N ILE C 27 -29.57 9.55 -17.03
CA ILE C 27 -29.15 8.28 -16.46
C ILE C 27 -27.81 7.84 -17.06
N GLN C 28 -27.63 8.06 -18.36
CA GLN C 28 -26.43 7.64 -19.07
C GLN C 28 -25.30 8.66 -18.94
N GLY C 29 -25.34 9.52 -17.91
CA GLY C 29 -24.28 10.49 -17.74
C GLY C 29 -22.93 9.85 -17.46
N ILE C 30 -22.92 8.82 -16.61
CA ILE C 30 -21.67 8.16 -16.22
C ILE C 30 -21.09 7.49 -17.47
N THR C 31 -19.99 8.03 -17.97
CA THR C 31 -19.42 7.58 -19.23
C THR C 31 -18.85 6.17 -19.11
N LYS C 32 -18.81 5.48 -20.26
CA LYS C 32 -18.25 4.14 -20.30
C LYS C 32 -16.80 4.06 -19.81
N PRO C 33 -15.87 4.95 -20.21
CA PRO C 33 -14.51 4.85 -19.64
C PRO C 33 -14.44 5.11 -18.15
N ALA C 34 -15.42 5.79 -17.56
CA ALA C 34 -15.46 5.88 -16.10
C ALA C 34 -15.65 4.50 -15.49
N ILE C 35 -16.60 3.73 -16.02
CA ILE C 35 -16.80 2.35 -15.57
C ILE C 35 -15.56 1.52 -15.85
N ARG C 36 -14.94 1.74 -17.00
CA ARG C 36 -13.73 1.00 -17.33
C ARG C 36 -12.63 1.25 -16.30
N ARG C 37 -12.42 2.51 -15.91
CA ARG C 37 -11.37 2.81 -14.93
C ARG C 37 -11.75 2.30 -13.54
N LEU C 38 -13.03 2.39 -13.19
CA LEU C 38 -13.49 1.86 -11.91
C LEU C 38 -13.18 0.37 -11.80
N ALA C 39 -13.46 -0.37 -12.88
CA ALA C 39 -13.08 -1.78 -12.90
C ALA C 39 -11.57 -1.95 -12.98
N ARG C 40 -10.87 -0.99 -13.59
CA ARG C 40 -9.43 -1.09 -13.73
C ARG C 40 -8.74 -1.10 -12.39
N ARG C 41 -9.14 -0.23 -11.47
CA ARG C 41 -8.65 -0.36 -10.11
C ARG C 41 -9.56 -1.21 -9.23
N GLY C 42 -10.60 -1.80 -9.82
CA GLY C 42 -11.40 -2.78 -9.13
C GLY C 42 -10.86 -4.19 -9.21
N GLY C 43 -9.70 -4.37 -9.83
CA GLY C 43 -9.06 -5.67 -9.96
C GLY C 43 -9.29 -6.37 -11.28
N VAL C 44 -10.51 -6.29 -11.82
CA VAL C 44 -10.83 -7.01 -13.03
C VAL C 44 -10.14 -6.39 -14.23
N LYS C 45 -9.92 -7.22 -15.26
CA LYS C 45 -9.40 -6.78 -16.55
C LYS C 45 -10.13 -7.49 -17.68
N ARG C 46 -11.35 -7.94 -17.42
CA ARG C 46 -12.08 -8.77 -18.39
C ARG C 46 -13.57 -8.57 -18.09
N ILE C 47 -14.24 -7.73 -18.87
CA ILE C 47 -15.60 -7.32 -18.58
C ILE C 47 -16.49 -7.57 -19.79
N SER C 48 -17.65 -8.18 -19.57
CA SER C 48 -18.63 -8.32 -20.63
C SER C 48 -19.17 -6.95 -21.03
N GLY C 49 -19.54 -6.83 -22.30
CA GLY C 49 -19.92 -5.55 -22.85
C GLY C 49 -21.26 -5.02 -22.35
N LEU C 50 -22.14 -5.91 -21.88
CA LEU C 50 -23.47 -5.52 -21.42
C LEU C 50 -23.53 -5.37 -19.90
N ILE C 51 -22.44 -4.91 -19.29
CA ILE C 51 -22.41 -4.66 -17.86
C ILE C 51 -22.55 -3.17 -17.54
N TYR C 52 -22.36 -2.30 -18.53
CA TYR C 52 -22.39 -0.86 -18.25
C TYR C 52 -23.77 -0.42 -17.80
N GLU C 53 -24.83 -0.97 -18.38
CA GLU C 53 -26.18 -0.68 -17.91
C GLU C 53 -26.37 -1.13 -16.47
N GLU C 54 -25.83 -2.31 -16.13
CA GLU C 54 -25.92 -2.80 -14.76
C GLU C 54 -25.19 -1.87 -13.80
N THR C 55 -24.01 -1.39 -14.18
CA THR C 55 -23.27 -0.47 -13.32
C THR C 55 -24.00 0.85 -13.16
N ARG C 56 -24.59 1.36 -14.24
CA ARG C 56 -25.38 2.58 -14.13
C ARG C 56 -26.56 2.39 -13.20
N GLY C 57 -27.26 1.27 -13.30
CA GLY C 57 -28.36 1.01 -12.40
C GLY C 57 -27.92 0.87 -10.95
N VAL C 58 -26.79 0.19 -10.74
CA VAL C 58 -26.24 0.03 -9.39
C VAL C 58 -25.91 1.38 -8.79
N LEU C 59 -25.24 2.23 -9.57
CA LEU C 59 -24.86 3.55 -9.07
C LEU C 59 -26.09 4.41 -8.82
N LYS C 60 -27.11 4.33 -9.67
CA LYS C 60 -28.32 5.10 -9.43
C LYS C 60 -29.02 4.63 -8.16
N VAL C 61 -29.06 3.32 -7.91
CA VAL C 61 -29.70 2.82 -6.70
C VAL C 61 -28.91 3.25 -5.46
N PHE C 62 -27.58 3.19 -5.54
CA PHE C 62 -26.76 3.62 -4.41
C PHE C 62 -26.93 5.11 -4.14
N LEU C 63 -26.98 5.92 -5.20
CA LEU C 63 -27.27 7.34 -5.03
C LEU C 63 -28.62 7.54 -4.37
N GLU C 64 -29.64 6.79 -4.83
CA GLU C 64 -30.96 6.91 -4.24
C GLU C 64 -30.92 6.65 -2.73
N ASN C 65 -30.31 5.54 -2.33
CA ASN C 65 -30.29 5.19 -0.91
C ASN C 65 -29.49 6.20 -0.10
N VAL C 66 -28.29 6.56 -0.56
CA VAL C 66 -27.44 7.46 0.21
C VAL C 66 -28.07 8.84 0.31
N ILE C 67 -28.62 9.35 -0.78
CA ILE C 67 -29.23 10.68 -0.77
C ILE C 67 -30.50 10.68 0.07
N ARG C 68 -31.28 9.60 0.03
CA ARG C 68 -32.46 9.52 0.87
C ARG C 68 -32.09 9.56 2.34
N ASP C 69 -31.08 8.79 2.73
CA ASP C 69 -30.65 8.81 4.13
C ASP C 69 -30.08 10.17 4.53
N ALA C 70 -29.30 10.79 3.64
CA ALA C 70 -28.75 12.10 3.95
C ALA C 70 -29.85 13.15 4.09
N VAL C 71 -30.85 13.09 3.22
CA VAL C 71 -31.94 14.06 3.29
C VAL C 71 -32.77 13.85 4.54
N THR C 72 -32.96 12.60 4.96
CA THR C 72 -33.69 12.39 6.22
C THR C 72 -32.88 12.85 7.42
N TYR C 73 -31.55 12.71 7.37
CA TYR C 73 -30.72 13.24 8.44
C TYR C 73 -30.81 14.76 8.49
N THR C 74 -30.79 15.42 7.33
CA THR C 74 -30.94 16.85 7.29
C THR C 74 -32.31 17.29 7.81
N GLU C 75 -33.36 16.58 7.40
CA GLU C 75 -34.71 16.92 7.86
C GLU C 75 -34.84 16.75 9.36
N HIS C 76 -34.16 15.77 9.92
CA HIS C 76 -34.09 15.62 11.38
C HIS C 76 -33.00 16.47 11.99
N ALA C 77 -32.56 17.52 11.29
CA ALA C 77 -31.64 18.50 11.83
C ALA C 77 -32.11 19.93 11.65
N LYS C 78 -33.33 20.14 11.18
CA LYS C 78 -33.90 21.48 10.97
C LYS C 78 -32.99 22.33 10.07
N ARG C 79 -32.50 21.72 9.00
CA ARG C 79 -31.64 22.39 8.04
C ARG C 79 -32.19 22.18 6.63
N LYS C 80 -31.59 22.88 5.67
CA LYS C 80 -32.07 22.85 4.30
C LYS C 80 -31.04 22.29 3.33
N THR C 81 -29.78 22.69 3.46
CA THR C 81 -28.73 22.31 2.52
C THR C 81 -27.93 21.14 3.07
N VAL C 82 -27.84 20.07 2.29
CA VAL C 82 -27.14 18.86 2.72
C VAL C 82 -25.64 19.09 2.62
N THR C 83 -24.93 18.81 3.72
CA THR C 83 -23.48 18.96 3.78
C THR C 83 -22.82 17.58 3.81
N ALA C 84 -21.49 17.60 3.95
CA ALA C 84 -20.74 16.34 3.95
C ALA C 84 -20.99 15.53 5.21
N MET C 85 -21.26 16.20 6.34
CA MET C 85 -21.52 15.46 7.57
C MET C 85 -22.80 14.63 7.45
N ASP C 86 -23.83 15.18 6.80
CA ASP C 86 -25.04 14.39 6.58
C ASP C 86 -24.76 13.18 5.71
N VAL C 87 -23.88 13.34 4.71
CA VAL C 87 -23.53 12.22 3.84
C VAL C 87 -22.79 11.15 4.62
N VAL C 88 -21.88 11.56 5.51
CA VAL C 88 -21.16 10.58 6.31
C VAL C 88 -22.10 9.87 7.26
N TYR C 89 -23.06 10.60 7.83
CA TYR C 89 -24.09 9.97 8.64
C TYR C 89 -24.87 8.93 7.84
N ALA C 90 -25.26 9.29 6.62
CA ALA C 90 -26.01 8.37 5.77
C ALA C 90 -25.20 7.12 5.47
N LEU C 91 -23.92 7.29 5.13
CA LEU C 91 -23.08 6.15 4.82
C LEU C 91 -22.88 5.26 6.03
N LYS C 92 -22.74 5.85 7.22
CA LYS C 92 -22.68 5.05 8.44
C LYS C 92 -23.97 4.28 8.65
N ARG C 93 -25.10 4.91 8.37
CA ARG C 93 -26.38 4.21 8.50
C ARG C 93 -26.46 3.02 7.55
N GLN C 94 -25.97 3.19 6.31
CA GLN C 94 -25.95 2.08 5.37
C GLN C 94 -25.07 0.94 5.87
N GLY C 95 -23.91 1.28 6.42
CA GLY C 95 -22.98 0.28 6.90
C GLY C 95 -21.57 0.53 6.41
N ARG C 96 -21.39 1.59 5.65
CA ARG C 96 -20.09 1.96 5.09
C ARG C 96 -19.50 3.13 5.86
N THR C 97 -18.26 3.47 5.53
CA THR C 97 -17.56 4.55 6.19
C THR C 97 -16.89 5.44 5.15
N LEU C 98 -16.82 6.73 5.45
CA LEU C 98 -16.17 7.72 4.60
C LEU C 98 -15.03 8.35 5.37
N TYR C 99 -13.85 8.38 4.76
CA TYR C 99 -12.64 8.84 5.41
C TYR C 99 -12.24 10.22 4.90
N GLY C 100 -11.81 11.08 5.83
CA GLY C 100 -11.40 12.43 5.49
C GLY C 100 -12.50 13.47 5.51
N PHE C 101 -13.74 13.07 5.78
CA PHE C 101 -14.86 13.99 5.79
C PHE C 101 -15.63 14.02 7.11
N GLY C 102 -15.62 12.94 7.87
CA GLY C 102 -16.34 12.90 9.14
C GLY C 102 -15.92 11.76 10.04
N ALA D 11 7.38 -31.75 -38.77
CA ALA D 11 6.99 -30.89 -37.67
C ALA D 11 7.04 -31.65 -36.34
N VAL D 12 7.78 -32.75 -36.32
CA VAL D 12 7.93 -33.53 -35.09
C VAL D 12 8.71 -32.74 -34.05
N GLU D 13 9.69 -31.95 -34.50
CA GLU D 13 10.48 -31.14 -33.57
C GLU D 13 9.60 -30.13 -32.85
N GLU D 14 8.70 -29.47 -33.58
CA GLU D 14 7.78 -28.55 -32.94
C GLU D 14 6.87 -29.27 -31.95
N ARG D 15 6.43 -30.47 -32.30
CA ARG D 15 5.55 -31.23 -31.42
C ARG D 15 6.26 -31.57 -30.10
N VAL D 16 7.49 -32.09 -30.19
CA VAL D 16 8.20 -32.46 -28.96
C VAL D 16 8.57 -31.22 -28.16
N ILE D 17 8.89 -30.12 -28.84
CA ILE D 17 9.18 -28.88 -28.13
C ILE D 17 7.95 -28.40 -27.37
N ASN D 18 6.78 -28.44 -28.01
CA ASN D 18 5.55 -28.03 -27.33
C ASN D 18 5.21 -28.95 -26.17
N GLU D 19 5.43 -30.26 -26.34
CA GLU D 19 5.17 -31.19 -25.24
C GLU D 19 6.09 -30.91 -24.06
N GLU D 20 7.37 -30.67 -24.33
CA GLU D 20 8.31 -30.35 -23.26
C GLU D 20 7.94 -29.04 -22.58
N TYR D 21 7.50 -28.06 -23.36
CA TYR D 21 7.08 -26.79 -22.77
C TYR D 21 5.84 -26.96 -21.90
N LYS D 22 4.90 -27.81 -22.33
CA LYS D 22 3.73 -28.07 -21.49
C LYS D 22 4.12 -28.76 -20.19
N ILE D 23 5.02 -29.73 -20.27
CA ILE D 23 5.51 -30.38 -19.06
C ILE D 23 6.18 -29.36 -18.14
N TRP D 24 6.98 -28.48 -18.72
CA TRP D 24 7.65 -27.45 -17.93
C TRP D 24 6.65 -26.49 -17.31
N LYS D 25 5.60 -26.13 -18.04
CA LYS D 25 4.59 -25.24 -17.48
C LYS D 25 3.87 -25.91 -16.31
N LYS D 26 3.58 -27.21 -16.44
CA LYS D 26 2.96 -27.92 -15.32
C LYS D 26 3.90 -27.99 -14.13
N ASN D 27 5.20 -28.14 -14.39
CA ASN D 27 6.20 -28.26 -13.33
C ASN D 27 6.63 -26.92 -12.74
N THR D 28 6.33 -25.81 -13.39
CA THR D 28 6.86 -24.52 -12.99
C THR D 28 6.48 -24.03 -11.59
N PRO D 29 5.37 -24.47 -10.97
CA PRO D 29 5.19 -24.09 -9.55
C PRO D 29 6.26 -24.64 -8.64
N PHE D 30 6.78 -25.84 -8.93
CA PHE D 30 7.78 -26.45 -8.05
C PHE D 30 9.10 -25.69 -8.12
N LEU D 31 9.56 -25.39 -9.33
CA LEU D 31 10.90 -24.87 -9.55
C LEU D 31 10.99 -23.35 -9.43
N TYR D 32 10.04 -22.64 -10.00
CA TYR D 32 10.17 -21.20 -10.13
C TYR D 32 9.46 -20.47 -9.00
N ASP D 33 9.66 -19.16 -8.96
CA ASP D 33 9.13 -18.34 -7.88
C ASP D 33 8.45 -17.10 -8.45
N LEU D 34 8.83 -16.70 -9.66
CA LEU D 34 8.16 -15.60 -10.34
C LEU D 34 8.38 -15.79 -11.84
N VAL D 35 7.37 -16.27 -12.54
CA VAL D 35 7.42 -16.44 -13.99
C VAL D 35 6.40 -15.50 -14.61
N MET D 36 6.86 -14.66 -15.54
CA MET D 36 5.97 -13.75 -16.25
C MET D 36 6.27 -13.90 -17.74
N THR D 37 5.66 -14.90 -18.36
CA THR D 37 5.80 -15.07 -19.80
C THR D 37 5.07 -13.94 -20.51
N HIS D 38 5.73 -13.31 -21.46
CA HIS D 38 5.12 -12.25 -22.26
C HIS D 38 5.43 -12.50 -23.72
N ALA D 39 4.48 -12.13 -24.58
CA ALA D 39 4.61 -12.31 -26.02
C ALA D 39 4.79 -10.94 -26.65
N LEU D 40 6.01 -10.66 -27.10
CA LEU D 40 6.29 -9.39 -27.76
C LEU D 40 5.68 -9.36 -29.15
N GLU D 41 5.41 -8.14 -29.62
CA GLU D 41 4.89 -7.97 -30.97
C GLU D 41 5.88 -8.49 -32.00
N TRP D 42 7.17 -8.20 -31.81
CA TRP D 42 8.23 -8.70 -32.66
C TRP D 42 9.31 -9.33 -31.79
N PRO D 43 10.02 -10.32 -32.31
CA PRO D 43 11.11 -10.93 -31.53
C PRO D 43 12.20 -9.90 -31.25
N SER D 44 12.79 -10.01 -30.07
CA SER D 44 13.83 -9.09 -29.62
C SER D 44 15.17 -9.79 -29.66
N LEU D 45 16.15 -9.17 -30.30
CA LEU D 45 17.51 -9.70 -30.36
C LEU D 45 18.36 -9.25 -29.19
N THR D 46 17.81 -8.45 -28.28
CA THR D 46 18.55 -8.02 -27.11
C THR D 46 17.58 -7.81 -25.96
N ALA D 47 18.11 -7.88 -24.75
CA ALA D 47 17.33 -7.60 -23.55
C ALA D 47 18.30 -7.19 -22.45
N GLN D 48 17.90 -6.22 -21.65
CA GLN D 48 18.77 -5.71 -20.61
C GLN D 48 17.95 -4.92 -19.61
N TRP D 49 18.07 -5.26 -18.33
CA TRP D 49 17.39 -4.51 -17.30
C TRP D 49 18.04 -3.15 -17.13
N LEU D 50 17.25 -2.21 -16.64
CA LEU D 50 17.82 -0.92 -16.27
C LEU D 50 17.87 -0.80 -14.76
N PRO D 51 18.92 -0.20 -14.21
CA PRO D 51 19.09 -0.19 -12.75
C PRO D 51 18.00 0.55 -12.00
N ASP D 52 17.26 1.44 -12.65
CA ASP D 52 16.24 2.20 -11.95
C ASP D 52 15.02 1.34 -11.66
N VAL D 53 14.68 1.24 -10.38
CA VAL D 53 13.50 0.49 -9.93
C VAL D 53 12.61 1.44 -9.15
N THR D 54 11.34 1.51 -9.53
CA THR D 54 10.38 2.39 -8.89
C THR D 54 9.47 1.57 -7.97
N ARG D 55 9.37 1.99 -6.72
CA ARG D 55 8.55 1.33 -5.71
C ARG D 55 7.63 2.38 -5.10
N PRO D 56 6.53 2.72 -5.77
CA PRO D 56 5.67 3.80 -5.28
C PRO D 56 5.08 3.48 -3.92
N GLU D 57 4.94 4.52 -3.10
CA GLU D 57 4.39 4.35 -1.76
C GLU D 57 2.92 3.96 -1.83
N GLY D 58 2.51 3.09 -0.92
CA GLY D 58 1.14 2.60 -0.91
C GLY D 58 0.84 1.53 -1.92
N LYS D 59 1.84 1.06 -2.66
CA LYS D 59 1.67 0.03 -3.67
C LYS D 59 2.54 -1.17 -3.32
N ASP D 60 2.04 -2.36 -3.67
CA ASP D 60 2.74 -3.62 -3.37
C ASP D 60 3.52 -4.15 -4.55
N PHE D 61 3.66 -3.37 -5.62
CA PHE D 61 4.39 -3.81 -6.81
C PHE D 61 5.48 -2.81 -7.14
N SER D 62 6.64 -3.33 -7.52
CA SER D 62 7.78 -2.51 -7.92
C SER D 62 7.94 -2.56 -9.44
N ILE D 63 8.28 -1.42 -10.03
CA ILE D 63 8.36 -1.27 -11.47
C ILE D 63 9.83 -1.22 -11.88
N HIS D 64 10.23 -2.12 -12.76
CA HIS D 64 11.55 -2.12 -13.37
C HIS D 64 11.45 -1.67 -14.82
N ARG D 65 12.58 -1.72 -15.52
CA ARG D 65 12.59 -1.30 -16.92
C ARG D 65 13.59 -2.15 -17.69
N LEU D 66 13.22 -2.50 -18.91
CA LEU D 66 14.05 -3.29 -19.82
C LEU D 66 14.40 -2.46 -21.04
N VAL D 67 15.33 -2.98 -21.84
CA VAL D 67 15.70 -2.36 -23.11
C VAL D 67 15.72 -3.47 -24.15
N LEU D 68 14.63 -3.62 -24.88
CA LEU D 68 14.49 -4.69 -25.86
C LEU D 68 14.47 -4.10 -27.26
N GLY D 69 15.23 -4.71 -28.16
CA GLY D 69 15.15 -4.38 -29.57
C GLY D 69 13.96 -5.08 -30.20
N THR D 70 13.87 -4.94 -31.53
CA THR D 70 12.83 -5.60 -32.30
C THR D 70 13.39 -6.04 -33.62
N HIS D 71 13.30 -7.34 -33.91
CA HIS D 71 13.70 -7.91 -35.18
C HIS D 71 12.43 -8.07 -36.02
N THR D 72 12.28 -7.22 -37.03
CA THR D 72 11.11 -7.23 -37.90
C THR D 72 11.54 -7.52 -39.33
N SER D 73 10.75 -8.37 -40.00
CA SER D 73 11.06 -8.71 -41.38
C SER D 73 10.88 -7.51 -42.31
N ASP D 74 9.74 -6.84 -42.20
CA ASP D 74 9.44 -5.70 -43.06
C ASP D 74 9.04 -4.44 -42.30
N GLU D 75 8.32 -4.59 -41.19
CA GLU D 75 7.85 -3.42 -40.45
C GLU D 75 9.03 -2.70 -39.80
N GLN D 76 8.77 -1.46 -39.37
CA GLN D 76 9.81 -0.66 -38.75
C GLN D 76 10.19 -1.23 -37.40
N ASN D 77 11.50 -1.30 -37.14
CA ASN D 77 12.02 -1.88 -35.90
C ASN D 77 12.13 -0.78 -34.86
N HIS D 78 11.47 -0.98 -33.72
CA HIS D 78 11.46 -0.01 -32.64
C HIS D 78 12.21 -0.57 -31.43
N LEU D 79 13.13 0.22 -30.90
CA LEU D 79 13.76 -0.14 -29.64
C LEU D 79 12.74 0.02 -28.51
N VAL D 80 12.38 -1.08 -27.88
CA VAL D 80 11.33 -1.10 -26.87
C VAL D 80 11.97 -0.95 -25.50
N ILE D 81 11.42 -0.06 -24.68
CA ILE D 81 11.82 0.04 -23.29
C ILE D 81 10.63 -0.36 -22.44
N ALA D 82 10.54 -1.64 -22.11
CA ALA D 82 9.38 -2.16 -21.40
C ALA D 82 9.53 -1.94 -19.90
N SER D 83 8.38 -1.90 -19.22
CA SER D 83 8.34 -1.75 -17.77
C SER D 83 7.61 -2.96 -17.20
N VAL D 84 8.28 -3.71 -16.34
CA VAL D 84 7.69 -4.87 -15.70
C VAL D 84 7.18 -4.44 -14.33
N GLN D 85 6.28 -5.23 -13.77
CA GLN D 85 5.76 -5.01 -12.42
C GLN D 85 5.84 -6.31 -11.65
N LEU D 86 6.48 -6.28 -10.49
CA LEU D 86 6.62 -7.46 -9.67
C LEU D 86 6.15 -7.17 -8.25
N PRO D 87 5.42 -8.10 -7.63
CA PRO D 87 4.98 -7.87 -6.25
C PRO D 87 6.14 -7.64 -5.30
N ASN D 88 5.90 -6.77 -4.32
CA ASN D 88 6.94 -6.40 -3.36
C ASN D 88 7.26 -7.56 -2.43
N ASP D 89 8.44 -7.48 -1.81
CA ASP D 89 8.83 -8.48 -0.82
C ASP D 89 7.92 -8.44 0.41
N ASP D 90 7.42 -7.26 0.77
CA ASP D 90 6.49 -7.16 1.89
C ASP D 90 5.20 -7.92 1.59
N ALA D 91 4.72 -7.82 0.35
CA ALA D 91 3.53 -8.55 -0.07
C ALA D 91 3.82 -9.99 -0.44
N GLN D 92 5.10 -10.40 -0.45
CA GLN D 92 5.46 -11.77 -0.82
C GLN D 92 4.99 -12.81 0.21
N PHE D 93 4.59 -12.38 1.40
CA PHE D 93 4.09 -13.28 2.44
C PHE D 93 2.95 -12.58 3.16
N ASP D 94 1.72 -12.83 2.70
CA ASP D 94 0.54 -12.21 3.28
C ASP D 94 -0.54 -13.27 3.49
N ALA D 95 -1.32 -13.12 4.56
CA ALA D 95 -2.41 -14.04 4.87
C ALA D 95 -3.63 -13.61 4.05
N SER D 96 -3.67 -14.07 2.80
CA SER D 96 -4.73 -13.68 1.88
C SER D 96 -5.94 -14.59 1.98
N HIS D 97 -5.75 -15.88 1.73
CA HIS D 97 -6.86 -16.84 1.71
C HIS D 97 -6.29 -18.24 1.96
N TYR D 98 -7.11 -19.25 1.69
CA TYR D 98 -6.67 -20.63 1.77
C TYR D 98 -7.47 -21.45 0.77
N ASP D 99 -6.95 -22.62 0.42
CA ASP D 99 -7.58 -23.52 -0.53
C ASP D 99 -8.02 -24.79 0.19
N SER D 100 -9.29 -25.16 0.00
CA SER D 100 -9.81 -26.36 0.66
C SER D 100 -9.22 -27.62 0.04
N GLU D 101 -9.19 -27.69 -1.30
CA GLU D 101 -8.69 -28.87 -1.99
C GLU D 101 -7.19 -28.81 -2.23
N LYS D 102 -6.69 -27.67 -2.72
CA LYS D 102 -5.26 -27.54 -2.98
C LYS D 102 -4.45 -27.52 -1.69
N GLY D 103 -5.03 -27.01 -0.60
CA GLY D 103 -4.33 -26.98 0.66
C GLY D 103 -3.15 -26.04 0.72
N GLU D 104 -3.16 -24.99 -0.09
CA GLU D 104 -2.09 -24.00 -0.09
C GLU D 104 -2.72 -22.61 -0.05
N PHE D 105 -2.17 -21.74 0.79
CA PHE D 105 -2.75 -20.41 1.02
C PHE D 105 -2.44 -19.49 -0.16
N GLY D 106 -2.97 -19.88 -1.32
CA GLY D 106 -2.67 -19.17 -2.55
C GLY D 106 -3.77 -18.27 -3.05
N GLY D 107 -4.45 -18.71 -4.10
CA GLY D 107 -5.49 -17.92 -4.72
C GLY D 107 -4.98 -17.19 -5.95
N PHE D 108 -5.64 -17.41 -7.09
CA PHE D 108 -5.19 -16.79 -8.33
C PHE D 108 -5.46 -15.30 -8.32
N GLY D 109 -6.73 -14.91 -8.25
CA GLY D 109 -7.08 -13.52 -8.09
C GLY D 109 -6.59 -12.66 -9.24
N SER D 110 -6.42 -11.37 -8.93
CA SER D 110 -5.95 -10.40 -9.92
C SER D 110 -4.70 -9.65 -9.48
N VAL D 111 -4.10 -10.02 -8.36
CA VAL D 111 -2.83 -9.43 -7.95
C VAL D 111 -1.74 -10.09 -8.78
N SER D 112 -1.33 -9.43 -9.86
CA SER D 112 -0.44 -10.04 -10.83
C SER D 112 0.44 -8.98 -11.46
N GLY D 113 1.57 -9.42 -12.01
CA GLY D 113 2.48 -8.53 -12.69
C GLY D 113 1.96 -8.11 -14.04
N LYS D 114 2.65 -7.14 -14.64
CA LYS D 114 2.26 -6.62 -15.93
C LYS D 114 3.48 -6.04 -16.63
N ILE D 115 3.61 -6.35 -17.91
CA ILE D 115 4.67 -5.83 -18.76
C ILE D 115 4.04 -4.88 -19.76
N GLU D 116 4.45 -3.61 -19.72
CA GLU D 116 3.92 -2.59 -20.61
C GLU D 116 5.06 -1.89 -21.31
N ILE D 117 4.95 -1.76 -22.64
CA ILE D 117 5.96 -1.05 -23.41
C ILE D 117 5.81 0.44 -23.14
N GLU D 118 6.89 1.09 -22.72
CA GLU D 118 6.85 2.50 -22.36
C GLU D 118 7.25 3.39 -23.53
N ILE D 119 8.46 3.22 -24.04
CA ILE D 119 9.03 4.11 -25.04
C ILE D 119 9.54 3.28 -26.20
N LYS D 120 9.16 3.67 -27.42
CA LYS D 120 9.66 3.06 -28.64
C LYS D 120 10.31 4.13 -29.49
N ILE D 121 11.49 3.82 -30.03
CA ILE D 121 12.25 4.74 -30.87
C ILE D 121 12.48 4.08 -32.21
N ASN D 122 12.19 4.80 -33.29
CA ASN D 122 12.41 4.26 -34.63
C ASN D 122 13.88 3.93 -34.81
N HIS D 123 14.14 2.75 -35.36
CA HIS D 123 15.51 2.26 -35.53
C HIS D 123 15.65 1.64 -36.90
N GLU D 124 16.66 2.10 -37.65
CA GLU D 124 16.90 1.54 -38.97
C GLU D 124 17.47 0.13 -38.84
N GLY D 125 16.83 -0.82 -39.51
CA GLY D 125 17.24 -2.21 -39.41
C GLY D 125 16.92 -2.78 -38.04
N GLU D 126 17.27 -4.05 -37.87
CA GLU D 126 17.05 -4.72 -36.60
C GLU D 126 18.00 -4.19 -35.54
N VAL D 127 17.62 -4.37 -34.28
CA VAL D 127 18.46 -4.00 -33.15
C VAL D 127 19.24 -5.24 -32.74
N ASN D 128 20.52 -5.31 -33.16
CA ASN D 128 21.31 -6.49 -32.88
C ASN D 128 21.65 -6.60 -31.39
N ARG D 129 21.94 -5.47 -30.75
CA ARG D 129 22.32 -5.47 -29.34
C ARG D 129 22.16 -4.05 -28.81
N ALA D 130 21.33 -3.86 -27.80
CA ALA D 130 21.06 -2.54 -27.24
C ALA D 130 21.57 -2.49 -25.81
N ARG D 131 22.73 -1.88 -25.61
CA ARG D 131 23.36 -1.78 -24.30
C ARG D 131 23.34 -0.33 -23.85
N TYR D 132 22.76 -0.09 -22.68
CA TYR D 132 22.70 1.25 -22.13
C TYR D 132 24.02 1.61 -21.45
N MET D 133 24.36 2.88 -21.49
CA MET D 133 25.56 3.36 -20.83
C MET D 133 25.35 3.32 -19.32
N PRO D 134 26.21 2.67 -18.55
CA PRO D 134 25.95 2.55 -17.11
C PRO D 134 26.08 3.86 -16.36
N GLN D 135 27.02 4.72 -16.75
CA GLN D 135 27.18 6.00 -16.06
C GLN D 135 25.95 6.86 -16.18
N ASN D 136 25.36 6.92 -17.38
CA ASN D 136 24.09 7.62 -17.61
C ASN D 136 23.10 6.63 -18.20
N PRO D 137 22.24 6.03 -17.37
CA PRO D 137 21.33 5.00 -17.90
C PRO D 137 20.18 5.61 -18.68
N CYS D 138 20.49 6.54 -19.55
CA CYS D 138 19.58 7.12 -20.52
C CYS D 138 20.14 7.06 -21.93
N ILE D 139 21.44 7.20 -22.10
CA ILE D 139 22.07 6.97 -23.39
C ILE D 139 22.06 5.48 -23.67
N ILE D 140 21.57 5.10 -24.85
CA ILE D 140 21.47 3.71 -25.24
C ILE D 140 22.14 3.54 -26.60
N ALA D 141 23.02 2.56 -26.71
CA ALA D 141 23.74 2.28 -27.95
C ALA D 141 23.23 0.98 -28.53
N THR D 142 22.83 1.02 -29.80
CA THR D 142 22.32 -0.15 -30.50
C THR D 142 23.19 -0.46 -31.69
N LYS D 143 23.21 -1.73 -32.08
CA LYS D 143 23.98 -2.20 -33.22
C LYS D 143 23.01 -2.57 -34.34
N THR D 144 23.21 -1.98 -35.51
CA THR D 144 22.36 -2.18 -36.67
C THR D 144 22.97 -3.20 -37.62
N PRO D 145 22.17 -3.79 -38.50
CA PRO D 145 22.74 -4.67 -39.53
C PRO D 145 23.66 -3.93 -40.48
N SER D 146 23.60 -2.60 -40.52
CA SER D 146 24.55 -1.82 -41.30
C SER D 146 25.89 -1.73 -40.55
N SER D 147 26.84 -1.02 -41.15
CA SER D 147 28.15 -0.88 -40.53
C SER D 147 28.14 0.10 -39.35
N ASP D 148 27.28 1.09 -39.39
CA ASP D 148 27.28 2.13 -38.36
C ASP D 148 26.63 1.63 -37.09
N VAL D 149 26.85 2.37 -36.00
CA VAL D 149 26.28 2.09 -34.70
C VAL D 149 25.52 3.33 -34.24
N LEU D 150 24.23 3.16 -33.96
CA LEU D 150 23.41 4.26 -33.49
C LEU D 150 23.52 4.41 -31.98
N VAL D 151 23.34 5.63 -31.50
CA VAL D 151 23.29 5.93 -30.08
C VAL D 151 22.02 6.72 -29.82
N PHE D 152 21.12 6.16 -29.02
CA PHE D 152 19.85 6.80 -28.72
C PHE D 152 19.88 7.42 -27.33
N ASP D 153 18.79 8.13 -27.02
CA ASP D 153 18.58 8.70 -25.69
C ASP D 153 17.08 8.88 -25.52
N TYR D 154 16.45 7.96 -24.79
CA TYR D 154 15.00 7.98 -24.68
C TYR D 154 14.50 9.16 -23.84
N THR D 155 15.36 9.77 -23.03
CA THR D 155 14.95 10.95 -22.28
C THR D 155 14.74 12.14 -23.21
N LYS D 156 15.39 12.16 -24.36
CA LYS D 156 15.26 13.23 -25.34
C LYS D 156 14.37 12.86 -26.51
N HIS D 157 13.62 11.76 -26.40
CA HIS D 157 12.77 11.29 -27.49
C HIS D 157 11.36 11.08 -26.99
N PRO D 158 10.36 11.26 -27.84
CA PRO D 158 8.97 11.06 -27.41
C PRO D 158 8.68 9.60 -27.14
N SER D 159 7.71 9.36 -26.26
CA SER D 159 7.29 7.99 -25.98
C SER D 159 6.71 7.33 -27.23
N LYS D 160 5.86 8.06 -27.95
CA LYS D 160 5.31 7.52 -29.18
C LYS D 160 6.31 7.67 -30.32
N PRO D 161 6.60 6.62 -31.07
CA PRO D 161 7.55 6.74 -32.17
C PRO D 161 7.00 7.63 -33.29
N ASP D 162 7.93 8.26 -34.01
CA ASP D 162 7.54 9.07 -35.14
C ASP D 162 6.86 8.21 -36.20
N PRO D 163 5.66 8.58 -36.65
CA PRO D 163 4.99 7.76 -37.69
C PRO D 163 5.81 7.59 -38.95
N SER D 164 6.60 8.58 -39.33
CA SER D 164 7.47 8.46 -40.49
C SER D 164 8.54 7.39 -40.24
N GLY D 165 8.90 6.67 -41.30
CA GLY D 165 9.87 5.60 -41.17
C GLY D 165 11.27 6.07 -40.88
N GLU D 166 11.56 7.35 -41.10
CA GLU D 166 12.90 7.87 -40.86
C GLU D 166 13.24 7.85 -39.37
N CYS D 167 14.46 7.47 -39.06
CA CYS D 167 14.97 7.47 -37.70
C CYS D 167 16.04 8.54 -37.54
N ASN D 168 16.11 9.12 -36.35
CA ASN D 168 17.05 10.20 -36.04
C ASN D 168 17.86 9.81 -34.82
N PRO D 169 18.89 8.99 -35.02
CA PRO D 169 19.76 8.63 -33.88
C PRO D 169 20.47 9.85 -33.33
N ASP D 170 20.65 9.86 -32.01
CA ASP D 170 21.30 11.00 -31.37
C ASP D 170 22.76 11.10 -31.79
N LEU D 171 23.44 9.97 -31.95
CA LEU D 171 24.86 9.98 -32.36
C LEU D 171 25.09 8.73 -33.20
N ARG D 172 25.15 8.89 -34.52
CA ARG D 172 25.48 7.78 -35.40
C ARG D 172 26.99 7.56 -35.38
N LEU D 173 27.41 6.36 -34.98
CA LEU D 173 28.82 6.03 -34.82
C LEU D 173 29.23 5.16 -36.00
N ARG D 174 30.24 5.61 -36.74
CA ARG D 174 30.73 4.90 -37.92
C ARG D 174 32.14 4.38 -37.67
N GLY D 175 32.61 3.56 -38.59
CA GLY D 175 33.97 3.05 -38.50
C GLY D 175 34.11 1.60 -38.91
N HIS D 176 33.00 0.92 -39.16
CA HIS D 176 33.03 -0.50 -39.48
C HIS D 176 32.72 -0.72 -40.96
N GLN D 177 32.68 -2.00 -41.34
CA GLN D 177 32.29 -2.40 -42.68
C GLN D 177 31.22 -3.48 -42.70
N LYS D 178 30.72 -3.90 -41.54
CA LYS D 178 29.70 -4.93 -41.44
C LYS D 178 28.99 -4.77 -40.10
N GLU D 179 28.22 -5.78 -39.72
CA GLU D 179 27.45 -5.75 -38.48
C GLU D 179 27.97 -6.82 -37.53
N GLY D 180 28.04 -6.47 -36.25
CA GLY D 180 28.51 -7.41 -35.24
C GLY D 180 27.76 -7.28 -33.93
N TYR D 181 27.23 -8.40 -33.44
CA TYR D 181 26.38 -8.35 -32.25
C TYR D 181 27.13 -7.92 -31.00
N GLY D 182 28.45 -7.93 -31.02
CA GLY D 182 29.23 -7.62 -29.83
C GLY D 182 29.41 -6.13 -29.59
N LEU D 183 28.78 -5.63 -28.53
CA LEU D 183 28.90 -4.23 -28.15
C LEU D 183 28.87 -4.14 -26.64
N SER D 184 29.67 -3.22 -26.08
CA SER D 184 29.75 -3.11 -24.63
C SER D 184 30.25 -1.72 -24.25
N TRP D 185 29.54 -1.08 -23.32
CA TRP D 185 29.96 0.20 -22.78
C TRP D 185 31.13 0.00 -21.82
N ASN D 186 31.75 1.11 -21.43
CA ASN D 186 32.82 1.08 -20.45
C ASN D 186 32.29 1.57 -19.11
N PRO D 187 32.16 0.70 -18.11
CA PRO D 187 31.53 1.14 -16.84
C PRO D 187 32.32 2.19 -16.10
N ASN D 188 33.66 2.18 -16.19
CA ASN D 188 34.46 3.10 -15.40
C ASN D 188 34.74 4.41 -16.14
N LEU D 189 35.12 4.34 -17.41
CA LEU D 189 35.38 5.53 -18.21
C LEU D 189 34.06 5.99 -18.83
N SER D 190 33.66 7.21 -18.52
CA SER D 190 32.37 7.72 -18.96
C SER D 190 32.39 8.00 -20.46
N GLY D 191 31.53 7.31 -21.20
CA GLY D 191 31.29 7.59 -22.59
C GLY D 191 31.97 6.66 -23.58
N HIS D 192 32.99 5.91 -23.14
CA HIS D 192 33.69 5.03 -24.07
C HIS D 192 32.78 3.89 -24.52
N LEU D 193 32.90 3.51 -25.79
CA LEU D 193 32.06 2.50 -26.39
C LEU D 193 32.92 1.54 -27.21
N LEU D 194 32.51 0.28 -27.23
CA LEU D 194 33.19 -0.75 -28.01
C LEU D 194 32.17 -1.50 -28.85
N SER D 195 32.63 -1.98 -30.01
CA SER D 195 31.77 -2.75 -30.89
C SER D 195 32.61 -3.79 -31.60
N ALA D 196 32.06 -5.00 -31.73
CA ALA D 196 32.75 -6.13 -32.32
C ALA D 196 32.07 -6.47 -33.64
N SER D 197 32.50 -5.82 -34.72
CA SER D 197 31.91 -6.05 -36.02
C SER D 197 32.35 -7.40 -36.57
N ASP D 198 31.64 -7.85 -37.60
CA ASP D 198 31.99 -9.09 -38.29
C ASP D 198 33.11 -8.89 -39.30
N ASP D 199 33.60 -7.67 -39.48
CA ASP D 199 34.68 -7.37 -40.41
C ASP D 199 36.06 -7.63 -39.82
N HIS D 200 36.14 -8.46 -38.78
CA HIS D 200 37.40 -8.77 -38.10
C HIS D 200 38.05 -7.49 -37.57
N THR D 201 37.24 -6.58 -37.06
CA THR D 201 37.74 -5.30 -36.56
C THR D 201 36.92 -4.88 -35.35
N ILE D 202 37.58 -4.26 -34.38
CA ILE D 202 36.96 -3.74 -33.17
C ILE D 202 37.15 -2.23 -33.14
N CYS D 203 36.10 -1.50 -32.76
CA CYS D 203 36.12 -0.05 -32.77
C CYS D 203 35.86 0.48 -31.36
N LEU D 204 36.65 1.46 -30.95
CA LEU D 204 36.47 2.16 -29.68
C LEU D 204 36.10 3.61 -29.96
N TRP D 205 34.99 4.06 -29.39
CA TRP D 205 34.46 5.39 -29.65
C TRP D 205 34.36 6.17 -28.34
N ASP D 206 34.78 7.42 -28.36
CA ASP D 206 34.76 8.30 -27.19
C ASP D 206 33.61 9.30 -27.37
N ILE D 207 32.42 8.91 -26.91
CA ILE D 207 31.25 9.78 -27.02
C ILE D 207 31.32 10.98 -26.10
N SER D 208 32.01 10.87 -24.96
CA SER D 208 32.06 11.99 -24.03
C SER D 208 32.78 13.22 -24.59
N ALA D 209 33.56 13.04 -25.66
CA ALA D 209 34.28 14.14 -26.29
C ALA D 209 33.51 14.74 -27.47
N VAL D 210 32.31 14.28 -27.74
CA VAL D 210 31.55 14.77 -28.89
C VAL D 210 31.01 16.16 -28.58
N PRO D 211 31.13 17.12 -29.49
CA PRO D 211 30.49 18.42 -29.29
C PRO D 211 28.97 18.29 -29.30
N LYS D 212 28.31 19.26 -28.65
CA LYS D 212 26.86 19.23 -28.54
C LYS D 212 26.19 19.24 -29.91
N GLU D 213 26.84 19.84 -30.91
CA GLU D 213 26.30 19.88 -32.26
C GLU D 213 26.76 18.72 -33.13
N GLY D 214 27.61 17.84 -32.60
CA GLY D 214 28.09 16.71 -33.39
C GLY D 214 27.05 15.59 -33.46
N LYS D 215 27.00 14.95 -34.62
CA LYS D 215 26.05 13.86 -34.85
C LYS D 215 26.71 12.58 -35.32
N VAL D 216 27.77 12.67 -36.13
CA VAL D 216 28.47 11.50 -36.64
C VAL D 216 29.91 11.56 -36.15
N VAL D 217 30.36 10.48 -35.51
CA VAL D 217 31.68 10.40 -34.90
C VAL D 217 32.41 9.20 -35.48
N ASP D 218 33.63 9.41 -35.96
CA ASP D 218 34.42 8.34 -36.55
C ASP D 218 35.01 7.44 -35.46
N ALA D 219 35.80 6.47 -35.89
CA ALA D 219 36.39 5.50 -34.98
C ALA D 219 37.65 6.09 -34.34
N LYS D 220 37.62 6.29 -33.03
CA LYS D 220 38.78 6.81 -32.33
C LYS D 220 39.93 5.81 -32.38
N THR D 221 39.65 4.52 -32.21
CA THR D 221 40.68 3.50 -32.25
C THR D 221 40.15 2.27 -32.96
N ILE D 222 40.99 1.67 -33.80
CA ILE D 222 40.66 0.47 -34.55
C ILE D 222 41.51 -0.68 -34.04
N PHE D 223 40.99 -1.89 -34.17
CA PHE D 223 41.70 -3.10 -33.77
C PHE D 223 41.66 -4.12 -34.89
N THR D 224 42.75 -4.85 -35.06
CA THR D 224 42.90 -5.78 -36.17
C THR D 224 43.51 -7.12 -35.76
N GLY D 225 43.83 -7.32 -34.48
CA GLY D 225 44.54 -8.52 -34.08
C GLY D 225 43.79 -9.81 -34.36
N HIS D 226 42.46 -9.76 -34.35
CA HIS D 226 41.67 -10.96 -34.58
C HIS D 226 41.73 -11.38 -36.04
N THR D 227 41.73 -12.69 -36.28
CA THR D 227 41.80 -13.25 -37.62
C THR D 227 40.46 -13.69 -38.16
N ALA D 228 39.36 -13.41 -37.46
CA ALA D 228 38.03 -13.79 -37.90
C ALA D 228 37.04 -12.76 -37.39
N VAL D 229 35.75 -13.03 -37.59
CA VAL D 229 34.71 -12.09 -37.19
C VAL D 229 34.61 -12.04 -35.67
N VAL D 230 34.81 -10.86 -35.10
CA VAL D 230 34.75 -10.71 -33.65
C VAL D 230 33.31 -10.88 -33.19
N GLU D 231 33.10 -11.82 -32.26
CA GLU D 231 31.75 -12.14 -31.84
C GLU D 231 31.25 -11.20 -30.76
N ASP D 232 32.02 -11.04 -29.68
CA ASP D 232 31.61 -10.15 -28.60
C ASP D 232 32.84 -9.63 -27.86
N VAL D 233 32.73 -8.41 -27.34
CA VAL D 233 33.75 -7.80 -26.50
C VAL D 233 33.07 -7.23 -25.27
N SER D 234 33.87 -6.99 -24.24
CA SER D 234 33.34 -6.44 -22.99
C SER D 234 34.45 -5.74 -22.23
N TRP D 235 34.17 -4.52 -21.78
CA TRP D 235 35.12 -3.80 -20.93
C TRP D 235 35.23 -4.49 -19.57
N HIS D 236 36.44 -4.45 -19.02
CA HIS D 236 36.64 -5.00 -17.67
C HIS D 236 35.77 -4.23 -16.67
N LEU D 237 35.11 -4.97 -15.79
CA LEU D 237 34.20 -4.32 -14.84
C LEU D 237 34.95 -3.47 -13.83
N LEU D 238 36.16 -3.87 -13.46
CA LEU D 238 36.94 -3.15 -12.46
C LEU D 238 38.07 -2.33 -13.05
N HIS D 239 38.78 -2.86 -14.04
CA HIS D 239 39.87 -2.11 -14.65
C HIS D 239 39.30 -1.01 -15.54
N GLU D 240 40.21 -0.27 -16.19
CA GLU D 240 39.82 0.85 -17.04
C GLU D 240 40.12 0.60 -18.51
N SER D 241 41.33 0.14 -18.83
CA SER D 241 41.76 -0.03 -20.21
C SER D 241 42.01 -1.49 -20.52
N LEU D 242 41.12 -2.37 -20.07
CA LEU D 242 41.21 -3.80 -20.36
C LEU D 242 39.87 -4.29 -20.85
N PHE D 243 39.87 -4.98 -21.98
CA PHE D 243 38.64 -5.54 -22.52
C PHE D 243 38.95 -6.79 -23.33
N GLY D 244 38.14 -7.83 -23.13
CA GLY D 244 38.31 -9.06 -23.88
C GLY D 244 37.65 -9.00 -25.24
N SER D 245 37.96 -10.00 -26.05
CA SER D 245 37.41 -10.08 -27.39
C SER D 245 37.47 -11.53 -27.85
N VAL D 246 36.31 -12.11 -28.15
CA VAL D 246 36.21 -13.48 -28.62
C VAL D 246 35.68 -13.46 -30.05
N ALA D 247 36.36 -14.18 -30.94
CA ALA D 247 35.97 -14.19 -32.34
C ALA D 247 35.75 -15.61 -32.85
N ASP D 248 35.51 -15.74 -34.16
CA ASP D 248 35.33 -17.05 -34.77
C ASP D 248 36.64 -17.80 -34.98
N ASP D 249 37.77 -17.17 -34.68
CA ASP D 249 39.09 -17.80 -34.83
C ASP D 249 39.39 -18.79 -33.71
N GLN D 250 38.40 -19.16 -32.91
CA GLN D 250 38.58 -20.08 -31.79
C GLN D 250 39.64 -19.56 -30.82
N LYS D 251 39.66 -18.25 -30.62
CA LYS D 251 40.69 -17.61 -29.82
C LYS D 251 40.09 -16.50 -28.98
N LEU D 252 40.74 -16.20 -27.86
CA LEU D 252 40.41 -15.05 -27.03
C LEU D 252 41.68 -14.22 -26.84
N MET D 253 41.58 -12.92 -27.07
CA MET D 253 42.68 -11.99 -26.88
C MET D 253 42.24 -10.89 -25.94
N ILE D 254 42.97 -10.73 -24.84
CA ILE D 254 42.70 -9.66 -23.89
C ILE D 254 43.40 -8.41 -24.37
N TRP D 255 42.64 -7.34 -24.59
CA TRP D 255 43.17 -6.11 -25.16
C TRP D 255 43.43 -5.07 -24.09
N ASP D 256 44.31 -4.13 -24.41
CA ASP D 256 44.59 -2.98 -23.56
C ASP D 256 44.68 -1.72 -24.43
N THR D 257 43.86 -0.73 -24.10
CA THR D 257 43.83 0.49 -24.92
C THR D 257 45.02 1.40 -24.66
N ARG D 258 45.71 1.24 -23.54
CA ARG D 258 46.87 2.09 -23.24
C ARG D 258 48.07 1.75 -24.12
N SER D 259 48.12 0.54 -24.68
CA SER D 259 49.24 0.15 -25.52
C SER D 259 49.19 0.88 -26.86
N ASN D 260 50.36 1.31 -27.33
CA ASN D 260 50.43 1.99 -28.63
C ASN D 260 50.02 1.07 -29.77
N ASN D 261 50.47 -0.18 -29.73
CA ASN D 261 50.10 -1.13 -30.77
C ASN D 261 48.62 -1.47 -30.69
N THR D 262 47.96 -1.54 -31.85
CA THR D 262 46.54 -1.82 -31.92
C THR D 262 46.22 -3.21 -32.45
N SER D 263 47.18 -3.89 -33.06
CA SER D 263 46.99 -5.24 -33.56
C SER D 263 47.81 -6.27 -32.79
N LYS D 264 48.25 -5.94 -31.58
CA LYS D 264 49.08 -6.83 -30.78
C LYS D 264 48.22 -7.51 -29.73
N PRO D 265 47.95 -8.81 -29.85
CA PRO D 265 47.11 -9.50 -28.86
C PRO D 265 47.84 -9.74 -27.55
N SER D 266 47.77 -8.76 -26.65
CA SER D 266 48.48 -8.78 -25.37
C SER D 266 48.48 -10.17 -24.72
N HIS D 267 47.33 -10.82 -24.67
CA HIS D 267 47.20 -12.17 -24.12
C HIS D 267 46.38 -13.01 -25.09
N SER D 268 47.04 -13.64 -26.05
CA SER D 268 46.38 -14.44 -27.07
C SER D 268 46.43 -15.91 -26.68
N VAL D 269 45.27 -16.50 -26.43
CA VAL D 269 45.17 -17.90 -26.06
C VAL D 269 44.00 -18.52 -26.81
N ASP D 270 44.22 -19.68 -27.42
CA ASP D 270 43.12 -20.43 -28.02
C ASP D 270 42.15 -20.88 -26.94
N ALA D 271 40.88 -20.58 -27.14
CA ALA D 271 39.88 -20.82 -26.09
C ALA D 271 39.20 -22.19 -26.23
N HIS D 272 38.57 -22.43 -27.37
CA HIS D 272 37.79 -23.65 -27.57
C HIS D 272 38.08 -24.24 -28.93
N THR D 273 37.70 -25.50 -29.11
CA THR D 273 37.84 -26.14 -30.40
C THR D 273 36.99 -25.44 -31.45
N ALA D 274 35.77 -25.06 -31.08
CA ALA D 274 34.88 -24.35 -31.98
C ALA D 274 35.09 -22.84 -31.83
N GLU D 275 34.20 -22.05 -32.40
CA GLU D 275 34.35 -20.60 -32.38
C GLU D 275 33.75 -20.02 -31.10
N VAL D 276 34.56 -19.27 -30.35
CA VAL D 276 34.06 -18.60 -29.16
C VAL D 276 33.00 -17.58 -29.56
N ASN D 277 31.99 -17.41 -28.71
CA ASN D 277 30.81 -16.65 -29.07
C ASN D 277 30.51 -15.47 -28.16
N CYS D 278 30.93 -15.50 -26.91
CA CYS D 278 30.64 -14.41 -25.99
C CYS D 278 31.60 -14.50 -24.81
N LEU D 279 31.64 -13.42 -24.03
CA LEU D 279 32.43 -13.39 -22.81
C LEU D 279 31.82 -12.37 -21.87
N SER D 280 32.08 -12.56 -20.57
CA SER D 280 31.62 -11.60 -19.56
C SER D 280 32.55 -11.67 -18.36
N PHE D 281 32.96 -10.50 -17.89
CA PHE D 281 33.85 -10.41 -16.75
C PHE D 281 33.06 -10.41 -15.45
N ASN D 282 33.68 -10.96 -14.41
CA ASN D 282 33.02 -11.07 -13.12
C ASN D 282 32.83 -9.69 -12.50
N PRO D 283 31.62 -9.36 -12.05
CA PRO D 283 31.41 -8.04 -11.42
C PRO D 283 32.15 -7.86 -10.10
N TYR D 284 32.54 -8.94 -9.43
CA TYR D 284 33.30 -8.86 -8.18
C TYR D 284 34.77 -9.21 -8.35
N SER D 285 35.07 -10.40 -8.87
CA SER D 285 36.46 -10.78 -9.08
C SER D 285 37.04 -10.00 -10.26
N GLU D 286 38.26 -9.52 -10.09
CA GLU D 286 38.93 -8.74 -11.12
C GLU D 286 39.77 -9.60 -12.04
N PHE D 287 39.74 -10.92 -11.89
CA PHE D 287 40.59 -11.81 -12.64
C PHE D 287 39.84 -12.89 -13.41
N ILE D 288 38.52 -12.95 -13.30
CA ILE D 288 37.75 -14.08 -13.80
C ILE D 288 36.81 -13.60 -14.90
N LEU D 289 36.89 -14.25 -16.06
CA LEU D 289 35.96 -14.04 -17.16
C LEU D 289 35.49 -15.39 -17.67
N ALA D 290 34.22 -15.48 -18.04
CA ALA D 290 33.63 -16.70 -18.56
C ALA D 290 33.30 -16.49 -20.04
N THR D 291 33.81 -17.37 -20.88
CA THR D 291 33.64 -17.24 -22.32
C THR D 291 32.77 -18.37 -22.85
N GLY D 292 31.76 -18.03 -23.63
CA GLY D 292 30.94 -19.03 -24.27
C GLY D 292 31.70 -19.71 -25.39
N SER D 293 31.01 -20.60 -26.09
CA SER D 293 31.63 -21.30 -27.20
C SER D 293 30.55 -21.85 -28.12
N ALA D 294 30.97 -22.22 -29.32
CA ALA D 294 30.13 -22.99 -30.23
C ALA D 294 30.28 -24.48 -30.02
N ASP D 295 31.18 -24.89 -29.12
CA ASP D 295 31.37 -26.29 -28.77
C ASP D 295 30.57 -26.69 -27.54
N LYS D 296 29.59 -25.88 -27.13
CA LYS D 296 28.73 -26.15 -25.98
C LYS D 296 29.55 -26.31 -24.71
N THR D 297 30.62 -25.52 -24.56
CA THR D 297 31.53 -25.64 -23.42
C THR D 297 31.86 -24.24 -22.92
N VAL D 298 31.12 -23.78 -21.91
CA VAL D 298 31.49 -22.55 -21.22
C VAL D 298 32.78 -22.79 -20.45
N ALA D 299 33.76 -21.90 -20.64
CA ALA D 299 35.06 -22.04 -20.02
C ALA D 299 35.29 -20.89 -19.05
N LEU D 300 35.78 -21.22 -17.86
CA LEU D 300 36.21 -20.22 -16.90
C LEU D 300 37.69 -19.91 -17.13
N TRP D 301 38.05 -18.63 -16.97
CA TRP D 301 39.43 -18.20 -17.12
C TRP D 301 39.83 -17.34 -15.95
N ASP D 302 41.12 -17.38 -15.63
CA ASP D 302 41.72 -16.48 -14.66
C ASP D 302 42.67 -15.54 -15.38
N LEU D 303 42.46 -14.24 -15.20
CA LEU D 303 43.33 -13.26 -15.85
C LEU D 303 44.76 -13.34 -15.35
N ARG D 304 44.99 -13.95 -14.19
CA ARG D 304 46.34 -14.15 -13.70
C ARG D 304 47.12 -15.07 -14.64
N ASN D 305 46.50 -16.15 -15.10
CA ASN D 305 47.14 -17.11 -16.00
C ASN D 305 46.11 -17.56 -17.03
N LEU D 306 46.32 -17.18 -18.28
CA LEU D 306 45.41 -17.52 -19.37
C LEU D 306 45.77 -18.82 -20.07
N LYS D 307 46.80 -19.52 -19.61
CA LYS D 307 47.26 -20.72 -20.33
C LYS D 307 46.24 -21.85 -20.23
N LEU D 308 45.72 -22.11 -19.03
CA LEU D 308 44.83 -23.24 -18.79
C LEU D 308 43.52 -22.73 -18.22
N LYS D 309 42.40 -23.21 -18.77
CA LYS D 309 41.09 -22.82 -18.29
C LYS D 309 40.85 -23.34 -16.88
N LEU D 310 40.14 -22.54 -16.08
CA LEU D 310 39.76 -23.00 -14.75
C LEU D 310 38.82 -24.20 -14.81
N HIS D 311 37.84 -24.15 -15.71
CA HIS D 311 36.97 -25.30 -15.93
C HIS D 311 36.37 -25.20 -17.32
N SER D 312 35.63 -26.25 -17.70
CA SER D 312 35.11 -26.45 -19.03
C SER D 312 33.65 -26.88 -18.98
N PHE D 313 32.83 -26.08 -18.29
CA PHE D 313 31.41 -26.38 -18.06
C PHE D 313 30.77 -27.00 -19.27
N GLU D 314 30.19 -28.20 -19.11
CA GLU D 314 29.68 -28.98 -20.23
C GLU D 314 28.34 -29.60 -19.83
N SER D 315 27.25 -28.87 -20.12
CA SER D 315 25.91 -29.43 -20.04
C SER D 315 25.05 -29.08 -21.24
N HIS D 316 25.44 -28.13 -22.07
CA HIS D 316 24.70 -27.81 -23.28
C HIS D 316 24.90 -28.90 -24.32
N LYS D 317 23.95 -28.99 -25.24
CA LYS D 317 24.09 -29.85 -26.41
C LYS D 317 24.27 -29.07 -27.70
N ASP D 318 24.02 -27.76 -27.69
CA ASP D 318 24.18 -26.93 -28.87
C ASP D 318 25.04 -25.72 -28.55
N GLU D 319 25.14 -24.77 -29.48
CA GLU D 319 26.02 -23.62 -29.30
C GLU D 319 25.55 -22.76 -28.13
N ILE D 320 26.50 -22.00 -27.58
CA ILE D 320 26.26 -21.13 -26.44
C ILE D 320 26.46 -19.70 -26.90
N PHE D 321 25.46 -18.86 -26.69
CA PHE D 321 25.42 -17.53 -27.28
C PHE D 321 25.75 -16.41 -26.30
N GLN D 322 25.21 -16.45 -25.09
CA GLN D 322 25.42 -15.38 -24.13
C GLN D 322 25.69 -15.95 -22.76
N VAL D 323 26.86 -15.65 -22.20
CA VAL D 323 27.23 -16.06 -20.86
C VAL D 323 27.28 -14.82 -19.99
N GLN D 324 26.41 -14.77 -18.98
CA GLN D 324 26.32 -13.63 -18.09
C GLN D 324 26.56 -14.07 -16.66
N TRP D 325 27.32 -13.29 -15.92
CA TRP D 325 27.53 -13.56 -14.51
C TRP D 325 26.34 -13.04 -13.71
N SER D 326 26.46 -13.05 -12.39
CA SER D 326 25.36 -12.63 -11.55
C SER D 326 25.73 -11.35 -10.82
N PRO D 327 24.89 -10.32 -10.88
CA PRO D 327 25.13 -9.10 -10.09
C PRO D 327 24.86 -9.26 -8.61
N HIS D 328 24.51 -10.45 -8.14
CA HIS D 328 24.21 -10.65 -6.73
C HIS D 328 25.16 -11.67 -6.11
N ASN D 329 25.68 -12.59 -6.92
CA ASN D 329 26.61 -13.60 -6.45
C ASN D 329 27.84 -13.63 -7.36
N GLU D 330 29.01 -13.72 -6.76
CA GLU D 330 30.25 -13.80 -7.52
C GLU D 330 30.52 -15.19 -8.06
N THR D 331 29.71 -16.18 -7.68
CA THR D 331 29.96 -17.57 -8.05
C THR D 331 28.86 -18.13 -8.94
N ILE D 332 27.94 -17.30 -9.43
CA ILE D 332 26.78 -17.76 -10.18
C ILE D 332 26.91 -17.28 -11.62
N LEU D 333 26.82 -18.21 -12.55
CA LEU D 333 26.89 -17.94 -13.99
C LEU D 333 25.49 -17.98 -14.59
N ALA D 334 25.44 -17.89 -15.92
CA ALA D 334 24.24 -18.19 -16.69
C ALA D 334 24.61 -18.30 -18.16
N SER D 335 24.28 -19.42 -18.79
CA SER D 335 24.63 -19.61 -20.19
C SER D 335 23.39 -19.97 -20.99
N SER D 336 23.36 -19.55 -22.25
CA SER D 336 22.21 -19.79 -23.10
C SER D 336 22.69 -19.90 -24.54
N GLY D 337 21.84 -20.45 -25.39
CA GLY D 337 22.19 -20.61 -26.78
C GLY D 337 21.05 -21.12 -27.66
N THR D 338 21.42 -21.76 -28.77
CA THR D 338 20.40 -22.31 -29.67
C THR D 338 19.70 -23.52 -29.08
N ASP D 339 20.17 -24.03 -27.94
CA ASP D 339 19.54 -25.17 -27.29
C ASP D 339 18.27 -24.81 -26.55
N ARG D 340 17.89 -23.53 -26.54
CA ARG D 340 16.69 -23.08 -25.84
C ARG D 340 16.72 -23.47 -24.37
N ARG D 341 17.92 -23.42 -23.78
CA ARG D 341 18.13 -23.88 -22.41
C ARG D 341 19.07 -22.90 -21.72
N LEU D 342 18.56 -22.19 -20.72
CA LEU D 342 19.35 -21.18 -20.01
C LEU D 342 19.86 -21.80 -18.71
N ASN D 343 20.95 -22.55 -18.81
CA ASN D 343 21.55 -23.12 -17.62
C ASN D 343 22.05 -22.02 -16.70
N VAL D 344 21.83 -22.18 -15.40
CA VAL D 344 22.35 -21.22 -14.43
C VAL D 344 23.45 -21.91 -13.63
N TRP D 345 24.68 -21.79 -14.09
CA TRP D 345 25.77 -22.50 -13.44
C TRP D 345 26.11 -21.86 -12.10
N ASP D 346 26.93 -22.56 -11.33
CA ASP D 346 27.56 -21.97 -10.15
C ASP D 346 28.90 -22.65 -9.91
N LEU D 347 29.75 -21.97 -9.14
CA LEU D 347 31.09 -22.46 -8.88
C LEU D 347 31.27 -23.01 -7.48
N SER D 348 30.33 -22.78 -6.57
CA SER D 348 30.45 -23.32 -5.22
C SER D 348 30.38 -24.84 -5.21
N LYS D 349 29.83 -25.46 -6.26
CA LYS D 349 29.73 -26.92 -6.36
C LYS D 349 30.78 -27.49 -7.32
N ILE D 350 31.87 -26.76 -7.53
CA ILE D 350 32.92 -27.24 -8.43
C ILE D 350 33.59 -28.46 -7.81
N GLY D 351 33.67 -29.54 -8.57
CA GLY D 351 34.32 -30.74 -8.09
C GLY D 351 33.65 -31.38 -6.88
N GLU D 352 32.33 -31.45 -6.89
CA GLU D 352 31.56 -32.04 -5.79
C GLU D 352 31.18 -33.47 -6.15
N GLU D 353 31.39 -34.39 -5.21
CA GLU D 353 31.00 -35.78 -5.43
C GLU D 353 29.48 -35.90 -5.41
N GLN D 354 28.94 -36.59 -6.40
CA GLN D 354 27.49 -36.77 -6.53
C GLN D 354 27.19 -38.23 -6.85
N SER D 355 26.00 -38.66 -6.43
CA SER D 355 25.54 -40.00 -6.76
C SER D 355 25.21 -40.09 -8.25
N PRO D 356 25.37 -41.27 -8.86
CA PRO D 356 25.08 -41.39 -10.30
C PRO D 356 23.65 -41.02 -10.65
N GLU D 357 22.69 -41.31 -9.77
CA GLU D 357 21.31 -40.90 -10.02
C GLU D 357 21.19 -39.38 -10.08
N ASP D 358 21.88 -38.68 -9.16
CA ASP D 358 21.88 -37.23 -9.17
C ASP D 358 22.93 -36.63 -10.09
N ALA D 359 23.85 -37.44 -10.62
CA ALA D 359 24.85 -36.95 -11.56
C ALA D 359 24.43 -37.15 -13.02
N GLU D 360 23.43 -37.99 -13.28
CA GLU D 360 22.95 -38.14 -14.65
C GLU D 360 22.30 -36.85 -15.16
N ASP D 361 21.83 -36.00 -14.26
CA ASP D 361 21.23 -34.73 -14.68
C ASP D 361 22.28 -33.82 -15.32
N GLY D 362 23.49 -33.80 -14.78
CA GLY D 362 24.56 -32.99 -15.33
C GLY D 362 25.69 -32.79 -14.35
N PRO D 363 26.61 -31.88 -14.66
CA PRO D 363 27.70 -31.60 -13.74
C PRO D 363 27.18 -30.95 -12.47
N PRO D 364 27.90 -31.08 -11.36
CA PRO D 364 27.48 -30.40 -10.12
C PRO D 364 27.49 -28.89 -10.24
N GLU D 365 28.25 -28.34 -11.19
CA GLU D 365 28.29 -26.90 -11.38
C GLU D 365 26.96 -26.36 -11.86
N LEU D 366 26.16 -27.18 -12.53
CA LEU D 366 24.85 -26.76 -12.98
C LEU D 366 23.91 -26.65 -11.79
N LEU D 367 23.19 -25.54 -11.72
CA LEU D 367 22.27 -25.28 -10.62
C LEU D 367 20.82 -25.16 -11.05
N PHE D 368 20.54 -24.85 -12.30
CA PHE D 368 19.16 -24.69 -12.77
C PHE D 368 19.16 -24.72 -14.28
N ILE D 369 18.09 -25.26 -14.84
CA ILE D 369 17.90 -25.32 -16.29
C ILE D 369 16.56 -24.69 -16.61
N HIS D 370 16.55 -23.75 -17.56
CA HIS D 370 15.33 -23.07 -17.95
C HIS D 370 14.86 -23.64 -19.28
N GLY D 371 13.94 -24.60 -19.21
CA GLY D 371 13.40 -25.24 -20.39
C GLY D 371 12.13 -24.62 -20.94
N GLY D 372 11.75 -23.44 -20.46
CA GLY D 372 10.52 -22.80 -20.85
C GLY D 372 10.57 -21.97 -22.10
N HIS D 373 11.63 -22.09 -22.90
CA HIS D 373 11.75 -21.36 -24.15
C HIS D 373 11.50 -22.33 -25.29
N THR D 374 10.44 -22.07 -26.07
CA THR D 374 10.13 -22.94 -27.19
C THR D 374 11.17 -22.84 -28.29
N ALA D 375 11.73 -21.66 -28.51
CA ALA D 375 12.73 -21.44 -29.55
C ALA D 375 14.03 -20.97 -28.92
N LYS D 376 15.00 -20.66 -29.77
CA LYS D 376 16.34 -20.28 -29.33
C LYS D 376 16.29 -19.03 -28.47
N ILE D 377 17.12 -19.00 -27.43
CA ILE D 377 17.26 -17.82 -26.59
C ILE D 377 18.14 -16.81 -27.31
N SER D 378 17.63 -15.60 -27.51
CA SER D 378 18.41 -14.58 -28.18
C SER D 378 19.39 -13.90 -27.22
N ASP D 379 18.86 -13.27 -26.18
CA ASP D 379 19.69 -12.60 -25.20
C ASP D 379 18.93 -12.56 -23.88
N PHE D 380 19.68 -12.34 -22.80
CA PHE D 380 19.07 -12.28 -21.48
C PHE D 380 19.96 -11.46 -20.57
N SER D 381 19.40 -11.06 -19.44
CA SER D 381 20.15 -10.25 -18.48
C SER D 381 19.51 -10.38 -17.11
N TRP D 382 20.36 -10.51 -16.09
CA TRP D 382 19.87 -10.56 -14.72
C TRP D 382 19.31 -9.21 -14.29
N ASN D 383 18.35 -9.25 -13.39
CA ASN D 383 17.87 -8.03 -12.77
C ASN D 383 18.91 -7.55 -11.78
N PRO D 384 19.42 -6.32 -11.90
CA PRO D 384 20.44 -5.87 -10.96
C PRO D 384 19.89 -5.56 -9.58
N ASN D 385 18.65 -5.12 -9.47
CA ASN D 385 18.06 -4.84 -8.17
C ASN D 385 17.51 -6.11 -7.52
N GLU D 386 16.53 -6.74 -8.15
CA GLU D 386 15.97 -7.97 -7.62
C GLU D 386 16.99 -9.09 -7.73
N PRO D 387 16.95 -10.06 -6.83
CA PRO D 387 17.87 -11.21 -6.94
C PRO D 387 17.29 -12.34 -7.77
N TRP D 388 18.09 -12.86 -8.70
CA TRP D 388 17.82 -14.03 -9.53
C TRP D 388 16.78 -13.78 -10.62
N VAL D 389 16.12 -12.62 -10.65
CA VAL D 389 15.14 -12.35 -11.68
C VAL D 389 15.88 -12.17 -13.01
N ILE D 390 15.52 -12.98 -14.00
CA ILE D 390 16.18 -12.98 -15.29
C ILE D 390 15.14 -12.73 -16.37
N CYS D 391 15.40 -11.77 -17.24
CA CYS D 391 14.56 -11.53 -18.42
C CYS D 391 15.26 -12.14 -19.62
N SER D 392 14.75 -13.27 -20.09
CA SER D 392 15.33 -13.96 -21.23
C SER D 392 14.36 -13.90 -22.39
N VAL D 393 14.79 -13.33 -23.50
CA VAL D 393 13.97 -13.16 -24.68
C VAL D 393 14.36 -14.21 -25.71
N SER D 394 13.36 -14.87 -26.28
CA SER D 394 13.59 -15.89 -27.29
C SER D 394 13.34 -15.32 -28.68
N GLU D 395 13.63 -16.13 -29.69
CA GLU D 395 13.43 -15.73 -31.07
C GLU D 395 12.00 -15.96 -31.55
N ASP D 396 11.14 -16.52 -30.70
CA ASP D 396 9.73 -16.77 -31.04
C ASP D 396 8.80 -15.76 -30.38
N ASN D 397 9.24 -14.51 -30.26
CA ASN D 397 8.42 -13.44 -29.68
C ASN D 397 7.96 -13.78 -28.26
N ILE D 398 8.88 -14.29 -27.45
CA ILE D 398 8.60 -14.63 -26.05
C ILE D 398 9.62 -13.91 -25.18
N MET D 399 9.15 -13.25 -24.13
CA MET D 399 10.01 -12.58 -23.16
C MET D 399 9.58 -13.03 -21.77
N GLN D 400 10.36 -13.93 -21.18
CA GLN D 400 10.07 -14.46 -19.86
C GLN D 400 10.87 -13.69 -18.82
N VAL D 401 10.21 -13.37 -17.71
CA VAL D 401 10.91 -12.78 -16.57
C VAL D 401 10.79 -13.77 -15.42
N TRP D 402 11.74 -14.67 -15.29
CA TRP D 402 11.63 -15.79 -14.37
C TRP D 402 12.61 -15.67 -13.22
N GLN D 403 12.38 -16.48 -12.20
CA GLN D 403 13.26 -16.56 -11.04
C GLN D 403 13.01 -17.88 -10.34
N MET D 404 14.07 -18.65 -10.10
CA MET D 404 13.91 -19.93 -9.46
C MET D 404 13.53 -19.78 -8.00
N ALA D 405 12.92 -20.83 -7.45
CA ALA D 405 12.44 -20.79 -6.08
C ALA D 405 13.60 -20.73 -5.10
N GLU D 406 13.28 -20.29 -3.88
CA GLU D 406 14.30 -20.08 -2.85
C GLU D 406 14.93 -21.38 -2.38
N ASN D 407 14.37 -22.53 -2.74
CA ASN D 407 14.87 -23.81 -2.26
C ASN D 407 15.95 -24.41 -3.13
N ILE D 408 16.38 -23.73 -4.20
CA ILE D 408 17.38 -24.32 -5.09
C ILE D 408 18.74 -23.66 -4.88
N TYR D 409 18.76 -22.42 -4.41
CA TYR D 409 20.02 -21.75 -4.10
C TYR D 409 20.25 -21.55 -2.62
N ASN D 410 19.22 -21.21 -1.85
CA ASN D 410 19.39 -21.06 -0.42
C ASN D 410 19.49 -22.40 0.30
N ASP D 411 18.78 -23.41 -0.19
CA ASP D 411 18.75 -24.74 0.43
C ASP D 411 18.35 -24.67 1.90
N MET E 1 3.94 7.74 30.53
CA MET E 1 3.04 6.66 30.14
C MET E 1 3.56 5.92 28.92
N LYS E 2 3.01 4.73 28.67
CA LYS E 2 3.37 3.92 27.53
C LYS E 2 2.19 3.81 26.59
N VAL E 3 2.39 4.17 25.33
CA VAL E 3 1.33 4.16 24.32
C VAL E 3 1.48 2.89 23.49
N ILE E 4 0.47 2.03 23.55
CA ILE E 4 0.47 0.75 22.86
C ILE E 4 -0.71 0.74 21.91
N THR E 5 -0.49 1.15 20.67
CA THR E 5 -1.53 1.06 19.65
C THR E 5 -1.77 -0.40 19.31
N CYS E 6 -2.92 -0.92 19.70
CA CYS E 6 -3.23 -2.34 19.49
C CYS E 6 -3.52 -2.58 18.03
N GLU E 7 -2.50 -3.00 17.28
CA GLU E 7 -2.65 -3.31 15.86
C GLU E 7 -3.35 -4.66 15.72
N ILE E 8 -4.65 -4.63 15.99
CA ILE E 8 -5.48 -5.83 16.02
C ILE E 8 -6.82 -5.52 15.37
N ALA E 9 -7.40 -6.51 14.71
CA ALA E 9 -8.69 -6.32 14.05
C ALA E 9 -9.82 -6.32 15.06
N TRP E 10 -10.15 -5.15 15.60
CA TRP E 10 -11.24 -5.05 16.57
C TRP E 10 -12.57 -5.44 15.95
N HIS E 11 -13.03 -4.66 14.97
CA HIS E 11 -14.29 -4.93 14.26
C HIS E 11 -14.00 -4.88 12.76
N ASN E 12 -13.49 -5.98 12.20
CA ASN E 12 -13.25 -6.11 10.77
C ASN E 12 -12.51 -4.91 10.20
N LYS E 13 -11.68 -4.27 11.02
CA LYS E 13 -10.97 -3.04 10.67
C LYS E 13 -11.94 -1.89 10.40
N GLU E 14 -13.24 -2.12 10.62
CA GLU E 14 -14.23 -1.08 10.48
C GLU E 14 -14.14 -0.13 11.67
N PRO E 15 -14.72 1.06 11.56
CA PRO E 15 -14.56 2.06 12.64
C PRO E 15 -15.05 1.53 13.98
N VAL E 16 -14.34 1.93 15.03
CA VAL E 16 -14.72 1.65 16.41
C VAL E 16 -15.22 2.96 17.01
N TYR E 17 -16.45 2.94 17.54
CA TYR E 17 -17.11 4.19 17.89
C TYR E 17 -17.09 4.49 19.38
N SER E 18 -17.00 3.49 20.25
CA SER E 18 -16.88 3.80 21.67
C SER E 18 -16.25 2.63 22.40
N LEU E 19 -15.62 2.95 23.52
CA LEU E 19 -14.98 1.98 24.40
C LEU E 19 -15.49 2.20 25.81
N ASP E 20 -15.14 1.27 26.70
CA ASP E 20 -15.40 1.43 28.12
C ASP E 20 -14.62 0.37 28.87
N PHE E 21 -14.63 0.49 30.20
CA PHE E 21 -13.95 -0.46 31.07
C PHE E 21 -14.90 -0.90 32.17
N GLN E 22 -14.55 -2.01 32.82
CA GLN E 22 -15.33 -2.54 33.93
C GLN E 22 -14.85 -1.91 35.23
N HIS E 23 -15.74 -1.17 35.89
CA HIS E 23 -15.41 -0.47 37.12
C HIS E 23 -15.79 -1.23 38.38
N GLY E 24 -16.30 -2.45 38.24
CA GLY E 24 -16.70 -3.21 39.41
C GLY E 24 -15.67 -4.23 39.86
N THR E 25 -14.63 -4.43 39.05
CA THR E 25 -13.59 -5.41 39.33
C THR E 25 -12.32 -4.69 39.74
N ALA E 26 -11.75 -5.11 40.87
CA ALA E 26 -10.56 -4.49 41.43
C ALA E 26 -9.27 -5.16 41.01
N GLY E 27 -9.34 -6.19 40.16
CA GLY E 27 -8.13 -6.88 39.74
C GLY E 27 -7.33 -6.09 38.73
N ARG E 28 -6.16 -6.64 38.40
CA ARG E 28 -5.29 -6.02 37.41
C ARG E 28 -5.64 -6.41 35.99
N ILE E 29 -6.62 -7.29 35.80
CA ILE E 29 -7.10 -7.67 34.48
C ILE E 29 -8.43 -6.94 34.25
N HIS E 30 -8.50 -6.17 33.17
CA HIS E 30 -9.63 -5.27 32.93
C HIS E 30 -10.41 -5.73 31.72
N ARG E 31 -11.73 -5.57 31.78
CA ARG E 31 -12.65 -6.04 30.76
C ARG E 31 -13.17 -4.84 29.98
N LEU E 32 -12.69 -4.69 28.76
CA LEU E 32 -13.10 -3.61 27.86
C LEU E 32 -14.28 -4.07 27.01
N ALA E 33 -15.03 -3.11 26.49
CA ALA E 33 -16.16 -3.42 25.60
C ALA E 33 -16.20 -2.37 24.49
N SER E 34 -15.69 -2.71 23.32
CA SER E 34 -15.68 -1.82 22.18
C SER E 34 -17.02 -1.89 21.45
N ALA E 35 -17.13 -1.09 20.39
CA ALA E 35 -18.32 -1.07 19.55
C ALA E 35 -18.00 -0.32 18.27
N GLY E 36 -18.61 -0.75 17.18
CA GLY E 36 -18.30 -0.14 15.90
C GLY E 36 -19.33 -0.43 14.84
N VAL E 37 -18.96 -0.09 13.60
CA VAL E 37 -19.86 -0.25 12.46
C VAL E 37 -20.21 -1.70 12.22
N ASP E 38 -19.37 -2.64 12.65
CA ASP E 38 -19.58 -4.05 12.38
C ASP E 38 -20.83 -4.62 13.03
N THR E 39 -21.64 -3.78 13.70
CA THR E 39 -22.86 -4.22 14.37
C THR E 39 -22.56 -5.30 15.40
N ASN E 40 -21.43 -5.14 16.11
CA ASN E 40 -20.98 -6.10 17.09
C ASN E 40 -20.37 -5.38 18.27
N VAL E 41 -20.66 -5.86 19.47
CA VAL E 41 -20.08 -5.29 20.68
C VAL E 41 -19.06 -6.27 21.24
N ARG E 42 -17.81 -6.11 20.83
CA ARG E 42 -16.77 -7.06 21.23
C ARG E 42 -16.21 -6.69 22.59
N ILE E 43 -16.24 -7.65 23.52
CA ILE E 43 -15.73 -7.46 24.87
C ILE E 43 -14.38 -8.15 24.97
N TRP E 44 -13.39 -7.44 25.51
CA TRP E 44 -12.02 -7.93 25.53
C TRP E 44 -11.45 -7.90 26.94
N LYS E 45 -10.53 -8.82 27.20
CA LYS E 45 -9.70 -8.78 28.39
C LYS E 45 -8.48 -7.94 28.10
N VAL E 46 -8.17 -6.99 28.97
CA VAL E 46 -7.02 -6.11 28.82
C VAL E 46 -6.19 -6.19 30.09
N GLU E 47 -4.89 -6.44 29.94
CA GLU E 47 -3.99 -6.57 31.08
C GLU E 47 -2.59 -6.20 30.63
N LYS E 48 -1.76 -5.84 31.61
CA LYS E 48 -0.37 -5.50 31.33
C LYS E 48 0.43 -6.75 31.00
N GLY E 49 1.22 -6.67 29.94
CA GLY E 49 2.03 -7.78 29.51
C GLY E 49 3.29 -7.94 30.34
N PRO E 50 4.16 -8.88 29.95
CA PRO E 50 5.42 -9.06 30.69
C PRO E 50 6.30 -7.83 30.70
N ASP E 51 6.29 -7.04 29.62
CA ASP E 51 7.08 -5.83 29.52
C ASP E 51 6.26 -4.57 29.76
N GLY E 52 5.08 -4.71 30.35
CA GLY E 52 4.20 -3.58 30.57
C GLY E 52 3.35 -3.20 29.39
N LYS E 53 3.48 -3.90 28.27
CA LYS E 53 2.66 -3.62 27.10
C LYS E 53 1.21 -4.01 27.36
N ALA E 54 0.29 -3.18 26.87
CA ALA E 54 -1.14 -3.42 27.05
C ALA E 54 -1.62 -4.34 25.92
N ILE E 55 -1.68 -5.62 26.21
CA ILE E 55 -2.17 -6.60 25.25
C ILE E 55 -3.66 -6.80 25.47
N VAL E 56 -4.38 -7.15 24.40
CA VAL E 56 -5.81 -7.34 24.44
C VAL E 56 -6.10 -8.81 24.20
N GLU E 57 -6.81 -9.43 25.14
CA GLU E 57 -7.23 -10.82 25.03
C GLU E 57 -8.74 -10.85 24.78
N PHE E 58 -9.15 -11.47 23.69
CA PHE E 58 -10.56 -11.53 23.35
C PHE E 58 -11.34 -12.28 24.42
N LEU E 59 -12.48 -11.72 24.82
CA LEU E 59 -13.34 -12.33 25.82
C LEU E 59 -14.63 -12.87 25.21
N SER E 60 -15.38 -12.03 24.50
CA SER E 60 -16.66 -12.46 23.95
C SER E 60 -17.01 -11.59 22.76
N ASN E 61 -17.88 -12.12 21.91
CA ASN E 61 -18.45 -11.40 20.78
C ASN E 61 -19.95 -11.30 21.00
N LEU E 62 -20.47 -10.08 20.99
CA LEU E 62 -21.87 -9.82 21.29
C LEU E 62 -22.55 -9.32 20.02
N ALA E 63 -23.60 -10.02 19.59
CA ALA E 63 -24.21 -9.78 18.27
C ALA E 63 -25.72 -9.82 18.40
N ARG E 64 -26.34 -8.65 18.63
CA ARG E 64 -27.78 -8.52 18.50
C ARG E 64 -28.20 -7.20 17.89
N HIS E 65 -27.29 -6.45 17.30
CA HIS E 65 -27.59 -5.14 16.74
C HIS E 65 -27.74 -5.23 15.23
N THR E 66 -28.88 -4.78 14.72
CA THR E 66 -29.10 -4.79 13.28
C THR E 66 -28.29 -3.73 12.56
N LYS E 67 -27.89 -2.66 13.24
CA LYS E 67 -27.11 -1.60 12.62
C LYS E 67 -25.85 -1.33 13.41
N ALA E 68 -25.14 -0.26 13.05
CA ALA E 68 -23.88 0.05 13.72
C ALA E 68 -24.11 0.36 15.18
N VAL E 69 -23.15 -0.03 16.02
CA VAL E 69 -23.19 0.24 17.46
C VAL E 69 -22.33 1.45 17.73
N ASN E 70 -22.92 2.49 18.31
CA ASN E 70 -22.21 3.76 18.51
C ASN E 70 -21.56 3.85 19.88
N VAL E 71 -22.35 3.76 20.95
CA VAL E 71 -21.88 4.05 22.29
C VAL E 71 -22.09 2.82 23.16
N VAL E 72 -21.07 2.47 23.95
CA VAL E 72 -21.12 1.37 24.91
C VAL E 72 -20.71 1.92 26.26
N ARG E 73 -21.53 1.66 27.29
CA ARG E 73 -21.31 2.25 28.61
C ARG E 73 -21.65 1.24 29.69
N PHE E 74 -20.63 0.71 30.35
CA PHE E 74 -20.86 -0.17 31.49
C PHE E 74 -21.56 0.58 32.61
N SER E 75 -22.30 -0.16 33.42
CA SER E 75 -22.93 0.41 34.59
C SER E 75 -21.87 0.74 35.64
N PRO E 76 -22.18 1.65 36.58
CA PRO E 76 -21.22 1.92 37.66
C PRO E 76 -20.85 0.68 38.46
N THR E 77 -21.81 -0.22 38.67
CA THR E 77 -21.48 -1.50 39.29
C THR E 77 -20.65 -2.37 38.35
N GLY E 78 -20.78 -2.16 37.05
CA GLY E 78 -20.03 -2.90 36.06
C GLY E 78 -20.68 -4.19 35.58
N GLU E 79 -21.78 -4.60 36.21
CA GLU E 79 -22.39 -5.88 35.90
C GLU E 79 -23.51 -5.79 34.88
N ILE E 80 -23.85 -4.59 34.40
CA ILE E 80 -24.93 -4.41 33.44
C ILE E 80 -24.41 -3.52 32.32
N LEU E 81 -23.93 -4.14 31.24
CA LEU E 81 -23.45 -3.39 30.10
C LEU E 81 -24.60 -2.64 29.43
N ALA E 82 -24.25 -1.61 28.68
CA ALA E 82 -25.19 -0.92 27.81
C ALA E 82 -24.63 -0.93 26.39
N SER E 83 -25.50 -0.62 25.43
CA SER E 83 -25.08 -0.64 24.03
C SER E 83 -26.04 0.24 23.24
N GLY E 84 -25.55 1.39 22.80
CA GLY E 84 -26.38 2.28 22.01
C GLY E 84 -26.06 2.20 20.53
N GLY E 85 -26.90 1.51 19.78
CA GLY E 85 -26.68 1.29 18.37
C GLY E 85 -27.17 2.43 17.51
N ASP E 86 -27.23 2.17 16.21
CA ASP E 86 -27.77 3.10 15.24
C ASP E 86 -29.25 2.85 14.95
N ASP E 87 -29.84 1.83 15.57
CA ASP E 87 -31.24 1.48 15.34
C ASP E 87 -32.15 1.93 16.48
N ALA E 88 -31.72 2.92 17.26
CA ALA E 88 -32.52 3.43 18.38
C ALA E 88 -32.85 2.34 19.38
N VAL E 89 -31.95 1.36 19.52
CA VAL E 89 -32.15 0.21 20.39
C VAL E 89 -31.03 0.18 21.41
N ILE E 90 -31.38 0.09 22.69
CA ILE E 90 -30.40 0.10 23.76
C ILE E 90 -30.41 -1.23 24.49
N LEU E 91 -29.57 -2.15 24.03
CA LEU E 91 -29.46 -3.44 24.70
C LEU E 91 -28.73 -3.27 26.03
N LEU E 92 -29.14 -4.06 27.03
CA LEU E 92 -28.52 -4.06 28.35
C LEU E 92 -27.97 -5.46 28.59
N TRP E 93 -26.77 -5.71 28.11
CA TRP E 93 -26.16 -7.02 28.27
C TRP E 93 -25.72 -7.24 29.71
N LYS E 94 -26.14 -8.37 30.29
CA LYS E 94 -25.63 -8.80 31.58
C LYS E 94 -25.14 -10.23 31.45
N VAL E 95 -24.01 -10.53 32.08
CA VAL E 95 -23.41 -11.85 31.94
C VAL E 95 -24.34 -12.91 32.52
N ASN E 96 -24.27 -14.11 31.94
CA ASN E 96 -25.12 -15.24 32.35
C ASN E 96 -26.60 -14.89 32.30
N GLN E 113 -18.42 -19.85 19.59
CA GLN E 113 -17.30 -20.13 18.69
C GLN E 113 -15.98 -19.66 19.30
N LEU E 114 -15.62 -18.41 19.04
CA LEU E 114 -14.40 -17.82 19.56
C LEU E 114 -14.61 -17.10 20.89
N ASN E 115 -15.82 -17.15 21.44
CA ASN E 115 -16.11 -16.46 22.69
C ASN E 115 -15.59 -17.26 23.88
N LYS E 116 -14.95 -16.57 24.81
CA LYS E 116 -14.54 -17.15 26.07
C LYS E 116 -15.58 -16.96 27.17
N GLU E 117 -16.67 -16.29 26.88
CA GLU E 117 -17.77 -16.10 27.83
C GLU E 117 -19.02 -15.72 27.06
N ASN E 118 -20.15 -15.75 27.76
CA ASN E 118 -21.45 -15.53 27.15
C ASN E 118 -22.12 -14.30 27.77
N TRP E 119 -22.67 -13.44 26.93
CA TRP E 119 -23.42 -12.27 27.36
C TRP E 119 -24.77 -12.28 26.67
N THR E 120 -25.84 -12.15 27.45
CA THR E 120 -27.20 -12.21 26.94
C THR E 120 -27.89 -10.87 27.15
N VAL E 121 -28.60 -10.41 26.11
CA VAL E 121 -29.30 -9.14 26.18
C VAL E 121 -30.44 -9.27 27.20
N VAL E 122 -30.31 -8.59 28.33
CA VAL E 122 -31.34 -8.66 29.35
C VAL E 122 -32.60 -7.92 28.91
N LYS E 123 -32.45 -6.72 28.38
CA LYS E 123 -33.62 -5.90 28.11
C LYS E 123 -33.36 -5.00 26.93
N THR E 124 -34.40 -4.79 26.12
CA THR E 124 -34.35 -3.92 24.95
C THR E 124 -35.19 -2.67 25.20
N LEU E 125 -34.57 -1.51 24.98
CA LEU E 125 -35.23 -0.23 25.19
C LEU E 125 -35.57 0.39 23.85
N ARG E 126 -36.83 0.82 23.71
CA ARG E 126 -37.34 1.39 22.46
C ARG E 126 -37.97 2.74 22.79
N GLY E 127 -37.17 3.80 22.75
CA GLY E 127 -37.69 5.12 23.01
C GLY E 127 -37.34 6.16 21.96
N HIS E 128 -36.32 5.89 21.16
CA HIS E 128 -35.83 6.84 20.18
C HIS E 128 -36.34 6.50 18.79
N LEU E 129 -36.18 7.46 17.88
CA LEU E 129 -36.55 7.27 16.49
C LEU E 129 -35.38 7.30 15.53
N GLU E 130 -34.18 7.64 16.00
CA GLU E 130 -33.00 7.72 15.16
C GLU E 130 -31.82 7.13 15.91
N ASP E 131 -30.63 7.32 15.35
CA ASP E 131 -29.43 6.71 15.91
C ASP E 131 -29.11 7.26 17.30
N VAL E 132 -28.72 6.37 18.20
CA VAL E 132 -28.29 6.74 19.54
C VAL E 132 -26.79 6.99 19.53
N TYR E 133 -26.37 8.10 20.09
CA TYR E 133 -24.98 8.53 20.02
C TYR E 133 -24.24 8.50 21.34
N ASP E 134 -24.86 8.92 22.43
CA ASP E 134 -24.19 8.94 23.72
C ASP E 134 -25.10 8.37 24.79
N ILE E 135 -24.49 7.63 25.73
CA ILE E 135 -25.20 6.98 26.82
C ILE E 135 -24.48 7.31 28.12
N CYS E 136 -25.24 7.64 29.15
CA CYS E 136 -24.65 7.86 30.47
C CYS E 136 -25.48 7.16 31.53
N TRP E 137 -24.80 6.73 32.59
CA TRP E 137 -25.42 6.05 33.71
C TRP E 137 -25.45 6.98 34.92
N ALA E 138 -26.53 6.89 35.70
CA ALA E 138 -26.60 7.65 36.93
C ALA E 138 -25.64 7.06 37.97
N THR E 139 -25.38 7.84 39.02
CA THR E 139 -24.45 7.40 40.05
C THR E 139 -24.95 6.14 40.74
N ASP E 140 -26.24 6.07 41.06
CA ASP E 140 -26.80 4.87 41.66
C ASP E 140 -26.84 3.70 40.69
N GLY E 141 -26.78 3.97 39.39
CA GLY E 141 -26.83 2.92 38.39
C GLY E 141 -28.21 2.41 38.06
N ASN E 142 -29.26 2.95 38.68
CA ASN E 142 -30.62 2.55 38.41
C ASN E 142 -31.28 3.37 37.32
N LEU E 143 -30.56 4.31 36.71
CA LEU E 143 -31.13 5.15 35.68
C LEU E 143 -30.27 5.16 34.42
N MET E 144 -30.58 6.06 33.49
CA MET E 144 -29.94 6.08 32.19
C MET E 144 -30.10 7.46 31.58
N ALA E 145 -29.32 7.72 30.53
CA ALA E 145 -29.47 8.95 29.76
C ALA E 145 -28.87 8.70 28.39
N SER E 146 -29.69 8.74 27.36
CA SER E 146 -29.26 8.45 26.00
C SER E 146 -29.51 9.65 25.11
N ALA E 147 -28.50 10.02 24.32
CA ALA E 147 -28.61 11.11 23.36
C ALA E 147 -28.65 10.53 21.96
N SER E 148 -29.64 10.94 21.18
CA SER E 148 -29.91 10.33 19.89
C SER E 148 -30.08 11.40 18.82
N VAL E 149 -29.88 11.00 17.57
CA VAL E 149 -30.00 11.90 16.43
C VAL E 149 -31.40 12.49 16.34
N ASP E 150 -32.37 11.90 17.01
CA ASP E 150 -33.77 12.31 16.91
C ASP E 150 -34.05 13.61 17.66
N ASN E 151 -33.01 14.38 18.01
CA ASN E 151 -33.17 15.65 18.74
C ASN E 151 -33.82 15.44 20.10
N THR E 152 -33.63 14.26 20.67
CA THR E 152 -34.18 13.96 21.99
C THR E 152 -33.12 13.30 22.85
N ALA E 153 -33.05 13.72 24.10
CA ALA E 153 -32.22 13.08 25.12
C ALA E 153 -33.16 12.44 26.13
N ILE E 154 -33.19 11.12 26.17
CA ILE E 154 -34.16 10.40 26.95
C ILE E 154 -33.54 10.02 28.29
N ILE E 155 -34.40 9.71 29.26
CA ILE E 155 -33.97 9.22 30.56
C ILE E 155 -34.71 7.91 30.81
N TRP E 156 -33.96 6.85 31.05
CA TRP E 156 -34.52 5.50 31.18
C TRP E 156 -34.26 4.95 32.56
N ASP E 157 -35.16 4.07 33.01
CA ASP E 157 -34.98 3.31 34.24
C ASP E 157 -34.78 1.85 33.87
N VAL E 158 -33.70 1.25 34.39
CA VAL E 158 -33.39 -0.13 34.05
C VAL E 158 -34.46 -1.07 34.58
N SER E 159 -35.02 -0.75 35.76
CA SER E 159 -35.99 -1.64 36.39
C SER E 159 -37.24 -1.80 35.53
N LYS E 160 -37.73 -0.71 34.94
CA LYS E 160 -38.96 -0.74 34.16
C LYS E 160 -38.76 -0.49 32.67
N GLY E 161 -37.69 0.20 32.27
CA GLY E 161 -37.34 0.35 30.88
C GLY E 161 -38.33 1.10 30.02
N GLN E 162 -38.80 2.25 30.50
CA GLN E 162 -39.72 3.07 29.75
C GLN E 162 -39.27 4.52 29.80
N LYS E 163 -39.65 5.28 28.78
CA LYS E 163 -39.31 6.69 28.68
C LYS E 163 -40.02 7.47 29.77
N ILE E 164 -39.26 7.97 30.74
CA ILE E 164 -39.84 8.79 31.80
C ILE E 164 -39.75 10.27 31.50
N SER E 165 -38.88 10.68 30.57
CA SER E 165 -38.76 12.09 30.21
C SER E 165 -38.18 12.18 28.81
N ILE E 166 -38.56 13.23 28.10
CA ILE E 166 -38.06 13.51 26.75
C ILE E 166 -37.75 15.00 26.71
N PHE E 167 -36.47 15.36 26.79
CA PHE E 167 -36.08 16.76 26.66
C PHE E 167 -35.92 17.11 25.18
N ASN E 168 -37.06 17.16 24.50
CA ASN E 168 -37.08 17.54 23.09
C ASN E 168 -37.07 19.06 22.97
N GLU E 169 -36.11 19.71 23.61
CA GLU E 169 -35.96 21.16 23.58
C GLU E 169 -34.73 21.58 22.78
N HIS E 170 -34.30 20.75 21.84
CA HIS E 170 -33.11 21.00 21.06
C HIS E 170 -33.47 21.48 19.65
N LYS E 171 -32.45 21.83 18.88
CA LYS E 171 -32.62 22.23 17.49
C LYS E 171 -31.84 21.37 16.51
N SER E 172 -30.92 20.52 16.98
CA SER E 172 -30.16 19.63 16.12
C SER E 172 -29.96 18.32 16.87
N TYR E 173 -29.04 17.49 16.38
CA TYR E 173 -28.75 16.23 17.05
C TYR E 173 -28.17 16.50 18.43
N VAL E 174 -28.46 15.62 19.37
CA VAL E 174 -27.78 15.62 20.67
C VAL E 174 -26.73 14.52 20.65
N GLN E 175 -25.48 14.88 20.89
CA GLN E 175 -24.36 13.97 20.74
C GLN E 175 -23.63 13.68 22.04
N GLY E 176 -24.03 14.29 23.15
CA GLY E 176 -23.36 14.03 24.39
C GLY E 176 -24.25 14.19 25.60
N VAL E 177 -24.22 13.20 26.50
CA VAL E 177 -24.97 13.26 27.75
C VAL E 177 -24.05 12.84 28.88
N THR E 178 -24.45 13.20 30.09
CA THR E 178 -23.73 12.79 31.29
C THR E 178 -24.68 12.87 32.46
N TRP E 179 -24.30 12.19 33.54
CA TRP E 179 -25.03 12.25 34.80
C TRP E 179 -24.13 12.82 35.88
N ASP E 180 -24.59 13.86 36.53
CA ASP E 180 -23.84 14.46 37.63
C ASP E 180 -23.73 13.46 38.77
N PRO E 181 -22.53 13.09 39.20
CA PRO E 181 -22.41 12.04 40.23
C PRO E 181 -23.11 12.37 41.53
N LEU E 182 -23.19 13.66 41.90
CA LEU E 182 -23.97 14.02 43.08
C LEU E 182 -25.46 13.79 42.87
N GLY E 183 -25.90 13.60 41.62
CA GLY E 183 -27.27 13.23 41.34
C GLY E 183 -28.24 14.37 41.16
N GLN E 184 -27.75 15.58 40.91
CA GLN E 184 -28.62 16.74 40.79
C GLN E 184 -28.82 17.23 39.37
N TYR E 185 -27.82 17.09 38.50
CA TYR E 185 -27.88 17.63 37.15
C TYR E 185 -27.68 16.53 36.12
N VAL E 186 -28.17 16.77 34.90
CA VAL E 186 -27.96 15.88 33.76
C VAL E 186 -27.65 16.79 32.58
N ALA E 187 -26.38 16.89 32.21
CA ALA E 187 -25.94 17.82 31.19
C ALA E 187 -26.02 17.15 29.82
N THR E 188 -26.83 17.73 28.94
CA THR E 188 -26.99 17.26 27.56
C THR E 188 -26.55 18.37 26.63
N LEU E 189 -25.72 18.04 25.65
CA LEU E 189 -25.17 19.03 24.73
C LEU E 189 -25.42 18.60 23.30
N SER E 190 -26.07 19.47 22.53
CA SER E 190 -26.51 19.15 21.19
C SER E 190 -25.51 19.67 20.16
N CYS E 191 -25.88 19.56 18.89
CA CYS E 191 -25.10 20.14 17.80
C CYS E 191 -25.56 21.55 17.47
N ASP E 192 -26.51 22.10 18.23
CA ASP E 192 -27.00 23.45 18.04
C ASP E 192 -26.12 24.50 18.72
N ARG E 193 -24.87 24.16 19.01
CA ARG E 193 -23.94 25.05 19.71
C ARG E 193 -24.53 25.50 21.04
N VAL E 194 -25.20 24.58 21.74
CA VAL E 194 -25.89 24.89 22.98
C VAL E 194 -25.63 23.78 23.99
N LEU E 195 -25.55 24.17 25.25
CA LEU E 195 -25.41 23.25 26.36
C LEU E 195 -26.68 23.32 27.21
N ARG E 196 -27.20 22.16 27.59
CA ARG E 196 -28.38 22.09 28.42
C ARG E 196 -28.10 21.22 29.63
N VAL E 197 -28.59 21.65 30.80
CA VAL E 197 -28.45 20.91 32.04
C VAL E 197 -29.84 20.68 32.60
N TYR E 198 -30.19 19.42 32.83
CA TYR E 198 -31.52 19.05 33.29
C TYR E 198 -31.44 18.49 34.71
N SER E 199 -32.26 19.03 35.60
CA SER E 199 -32.33 18.49 36.95
C SER E 199 -32.92 17.08 36.93
N ILE E 200 -32.50 16.27 37.90
CA ILE E 200 -33.01 14.90 37.98
C ILE E 200 -34.50 14.89 38.27
N GLN E 201 -34.95 15.74 39.19
CA GLN E 201 -36.36 15.78 39.56
C GLN E 201 -37.16 16.81 38.78
N LYS E 202 -36.61 18.01 38.58
CA LYS E 202 -37.34 19.04 37.87
C LYS E 202 -37.54 18.69 36.40
N LYS E 203 -36.56 18.02 35.79
CA LYS E 203 -36.62 17.61 34.39
C LYS E 203 -36.88 18.81 33.47
N ARG E 204 -36.23 19.93 33.77
CA ARG E 204 -36.36 21.14 32.98
C ARG E 204 -34.98 21.64 32.59
N VAL E 205 -34.93 22.42 31.51
CA VAL E 205 -33.67 22.94 31.00
C VAL E 205 -33.31 24.19 31.80
N ALA E 206 -32.65 24.00 32.94
CA ALA E 206 -32.35 25.11 33.82
C ALA E 206 -31.18 25.95 33.32
N PHE E 207 -30.20 25.32 32.67
CA PHE E 207 -28.99 26.00 32.22
C PHE E 207 -28.88 25.84 30.71
N ASN E 208 -29.31 26.87 29.97
CA ASN E 208 -29.17 26.88 28.51
C ASN E 208 -27.91 27.66 28.12
N VAL E 209 -26.77 27.02 28.38
CA VAL E 209 -25.46 27.65 28.17
C VAL E 209 -25.19 27.65 26.67
N SER E 210 -25.42 28.77 26.02
CA SER E 210 -25.16 28.91 24.59
C SER E 210 -24.30 30.12 24.26
N LYS E 211 -24.47 31.22 24.99
CA LYS E 211 -23.72 32.46 24.75
C LYS E 211 -22.85 32.79 25.94
N MET E 212 -21.72 33.43 25.67
CA MET E 212 -20.79 33.86 26.69
C MET E 212 -20.50 35.34 26.53
N LEU E 213 -20.15 35.99 27.64
CA LEU E 213 -19.85 37.41 27.64
C LEU E 213 -18.73 37.74 28.62
N TYR E 225 -21.11 35.89 21.58
CA TYR E 225 -20.92 34.91 20.51
C TYR E 225 -21.09 33.48 21.03
N ARG E 226 -21.60 32.61 20.17
CA ARG E 226 -21.83 31.22 20.56
C ARG E 226 -20.51 30.50 20.77
N MET E 227 -20.47 29.63 21.77
CA MET E 227 -19.22 29.00 22.19
C MET E 227 -18.95 27.67 21.48
N PHE E 228 -19.96 26.81 21.37
CA PHE E 228 -19.72 25.47 20.90
C PHE E 228 -19.72 25.39 19.37
N HIS E 229 -19.13 24.31 18.86
CA HIS E 229 -19.02 24.10 17.42
C HIS E 229 -20.39 23.88 16.80
N ASP E 230 -20.52 24.28 15.54
CA ASP E 230 -21.73 24.04 14.77
C ASP E 230 -21.72 22.58 14.29
N ASP E 231 -22.73 22.20 13.51
CA ASP E 231 -22.83 20.84 13.00
C ASP E 231 -21.91 20.58 11.82
N SER E 232 -20.96 21.49 11.55
CA SER E 232 -20.06 21.35 10.41
C SER E 232 -18.73 20.69 10.76
N MET E 233 -18.49 20.39 12.04
CA MET E 233 -17.21 19.82 12.41
C MET E 233 -17.21 18.31 12.22
N LYS E 234 -16.02 17.76 11.95
CA LYS E 234 -15.88 16.38 11.52
C LYS E 234 -15.71 15.46 12.73
N SER E 235 -16.83 15.23 13.42
CA SER E 235 -16.86 14.30 14.54
C SER E 235 -18.30 13.98 14.88
N PHE E 236 -18.63 12.69 14.94
CA PHE E 236 -19.98 12.29 15.28
C PHE E 236 -20.35 12.71 16.69
N PHE E 237 -19.44 12.50 17.65
CA PHE E 237 -19.74 12.62 19.06
C PHE E 237 -19.21 13.93 19.62
N ARG E 238 -19.87 14.40 20.68
CA ARG E 238 -19.46 15.56 21.46
C ARG E 238 -19.48 15.19 22.93
N ARG E 239 -19.04 13.98 23.25
CA ARG E 239 -19.26 13.40 24.57
C ARG E 239 -18.61 14.24 25.65
N LEU E 240 -19.36 14.51 26.71
CA LEU E 240 -18.86 15.26 27.84
C LEU E 240 -19.23 14.52 29.12
N SER E 241 -18.37 14.61 30.12
CA SER E 241 -18.58 13.89 31.37
C SER E 241 -18.27 14.79 32.55
N PHE E 242 -19.13 14.72 33.57
CA PHE E 242 -18.81 15.33 34.84
C PHE E 242 -17.61 14.64 35.46
N THR E 243 -16.87 15.38 36.28
CA THR E 243 -15.83 14.75 37.07
C THR E 243 -16.47 13.86 38.14
N PRO E 244 -15.84 12.73 38.46
CA PRO E 244 -16.45 11.82 39.46
C PRO E 244 -16.66 12.48 40.81
N ASP E 245 -15.85 13.49 41.15
CA ASP E 245 -16.12 14.28 42.33
C ASP E 245 -17.47 14.99 42.22
N GLY E 246 -17.83 15.42 41.02
CA GLY E 246 -19.12 16.04 40.78
C GLY E 246 -19.13 17.55 40.81
N SER E 247 -17.97 18.21 40.81
CA SER E 247 -17.90 19.66 40.88
C SER E 247 -17.45 20.31 39.58
N LEU E 248 -16.90 19.55 38.64
CA LEU E 248 -16.46 20.08 37.37
C LEU E 248 -17.27 19.46 36.25
N LEU E 249 -17.76 20.30 35.34
CA LEU E 249 -18.50 19.87 34.16
C LEU E 249 -17.63 20.19 32.95
N LEU E 250 -17.08 19.16 32.32
CA LEU E 250 -16.11 19.31 31.25
C LEU E 250 -16.79 18.98 29.93
N THR E 251 -16.91 19.99 29.06
CA THR E 251 -17.66 19.87 27.82
C THR E 251 -16.78 20.21 26.63
N PRO E 252 -16.54 19.28 25.72
CA PRO E 252 -15.66 19.57 24.59
C PRO E 252 -16.38 20.27 23.46
N ALA E 253 -15.68 20.44 22.33
CA ALA E 253 -16.22 21.08 21.13
C ALA E 253 -16.68 22.50 21.43
N GLY E 254 -15.76 23.29 21.98
CA GLY E 254 -15.99 24.69 22.24
C GLY E 254 -15.07 25.55 21.39
N CYS E 255 -15.55 26.74 21.04
CA CYS E 255 -14.79 27.68 20.24
C CYS E 255 -14.71 29.00 21.00
N VAL E 256 -13.50 29.55 21.11
CA VAL E 256 -13.25 30.79 21.81
C VAL E 256 -12.78 31.83 20.79
N GLU E 257 -13.39 33.01 20.82
CA GLU E 257 -13.03 34.08 19.91
C GLU E 257 -11.81 34.83 20.41
N SER E 258 -10.73 34.12 20.70
CA SER E 258 -9.49 34.71 21.19
C SER E 258 -8.35 34.65 20.18
N GLY E 259 -8.32 33.63 19.33
CA GLY E 259 -7.30 33.54 18.31
C GLY E 259 -7.65 34.38 17.10
N GLU E 260 -7.35 33.88 15.91
CA GLU E 260 -7.70 34.58 14.68
C GLU E 260 -9.22 34.73 14.58
N ASN E 261 -9.92 33.59 14.50
CA ASN E 261 -11.37 33.58 14.51
C ASN E 261 -11.97 32.51 15.41
N VAL E 262 -11.26 31.43 15.71
CA VAL E 262 -11.78 30.35 16.52
C VAL E 262 -10.63 29.60 17.17
N MET E 263 -10.81 29.21 18.42
CA MET E 263 -9.84 28.41 19.16
C MET E 263 -10.57 27.20 19.72
N ASN E 264 -10.25 26.01 19.23
CA ASN E 264 -10.91 24.79 19.67
C ASN E 264 -10.54 24.48 21.10
N THR E 265 -11.51 24.61 22.02
CA THR E 265 -11.22 24.46 23.44
C THR E 265 -12.15 23.46 24.10
N THR E 266 -12.12 23.40 25.44
CA THR E 266 -12.96 22.47 26.19
C THR E 266 -13.31 23.17 27.50
N TYR E 267 -14.48 23.79 27.54
CA TYR E 267 -14.87 24.60 28.69
C TYR E 267 -15.02 23.72 29.93
N VAL E 268 -14.61 24.25 31.07
CA VAL E 268 -14.78 23.61 32.36
C VAL E 268 -15.73 24.45 33.20
N PHE E 269 -16.78 23.83 33.72
CA PHE E 269 -17.81 24.54 34.45
C PHE E 269 -17.78 24.13 35.92
N SER E 270 -18.15 25.07 36.79
CA SER E 270 -18.21 24.84 38.21
C SER E 270 -19.65 24.95 38.70
N ARG E 271 -19.96 24.19 39.75
CA ARG E 271 -21.34 24.14 40.26
C ARG E 271 -21.78 25.49 40.80
N LYS E 272 -20.85 26.33 41.24
CA LYS E 272 -21.22 27.65 41.75
C LYS E 272 -21.86 28.50 40.67
N ASN E 273 -21.33 28.45 39.44
CA ASN E 273 -21.86 29.24 38.34
C ASN E 273 -21.64 28.43 37.06
N LEU E 274 -22.66 27.69 36.65
CA LEU E 274 -22.57 26.88 35.44
C LEU E 274 -22.93 27.66 34.17
N LYS E 275 -23.51 28.84 34.30
CA LYS E 275 -23.79 29.66 33.12
C LYS E 275 -22.51 30.14 32.46
N ARG E 276 -21.49 30.43 33.26
CA ARG E 276 -20.20 30.90 32.77
C ARG E 276 -19.12 29.95 33.23
N PRO E 277 -18.31 29.39 32.34
CA PRO E 277 -17.25 28.48 32.76
C PRO E 277 -16.20 29.19 33.59
N ILE E 278 -15.60 28.45 34.52
CA ILE E 278 -14.52 29.01 35.32
C ILE E 278 -13.28 29.25 34.45
N ALA E 279 -13.03 28.35 33.51
CA ALA E 279 -11.89 28.48 32.61
C ALA E 279 -12.20 27.70 31.34
N HIS E 280 -11.18 27.49 30.52
CA HIS E 280 -11.28 26.61 29.36
C HIS E 280 -9.88 26.13 29.01
N LEU E 281 -9.82 25.05 28.23
CA LEU E 281 -8.58 24.35 27.95
C LEU E 281 -8.37 24.32 26.45
N PRO E 282 -7.85 25.39 25.86
CA PRO E 282 -7.71 25.44 24.40
C PRO E 282 -6.86 24.28 23.86
N CYS E 283 -7.30 23.73 22.74
CA CYS E 283 -6.61 22.66 22.04
C CYS E 283 -6.46 23.06 20.59
N PRO E 284 -5.52 23.95 20.28
CA PRO E 284 -5.33 24.36 18.88
C PRO E 284 -4.95 23.16 18.02
N GLY E 285 -5.45 23.16 16.78
CA GLY E 285 -5.31 22.02 15.91
C GLY E 285 -6.64 21.35 15.66
N LYS E 286 -6.84 20.17 16.24
CA LYS E 286 -8.09 19.44 16.09
C LYS E 286 -9.04 19.79 17.24
N ALA E 287 -10.32 19.88 16.92
CA ALA E 287 -11.33 20.19 17.93
C ALA E 287 -11.53 19.02 18.87
N THR E 288 -11.87 19.34 20.11
CA THR E 288 -12.09 18.32 21.13
C THR E 288 -13.49 17.76 21.04
N LEU E 289 -13.62 16.45 21.25
CA LEU E 289 -14.91 15.79 21.13
C LEU E 289 -15.24 14.85 22.27
N ALA E 290 -14.33 14.57 23.19
CA ALA E 290 -14.60 13.64 24.27
C ALA E 290 -13.86 14.05 25.53
N VAL E 291 -14.46 13.75 26.67
CA VAL E 291 -13.84 13.95 27.98
C VAL E 291 -14.24 12.79 28.87
N ARG E 292 -13.25 12.10 29.43
CA ARG E 292 -13.53 10.98 30.33
C ARG E 292 -12.55 11.06 31.50
N CYS E 293 -13.09 11.26 32.70
CA CYS E 293 -12.26 11.45 33.88
C CYS E 293 -11.94 10.13 34.54
N CYS E 294 -10.72 10.02 35.07
CA CYS E 294 -10.31 8.81 35.75
C CYS E 294 -11.04 8.70 37.08
N PRO E 295 -11.76 7.60 37.33
CA PRO E 295 -12.62 7.55 38.52
C PRO E 295 -11.88 7.58 39.84
N VAL E 296 -10.67 7.03 39.91
CA VAL E 296 -9.95 6.96 41.18
C VAL E 296 -9.29 8.31 41.46
N TYR E 297 -9.51 8.82 42.66
CA TYR E 297 -8.94 10.10 43.07
C TYR E 297 -7.46 9.95 43.38
N PHE E 298 -6.78 11.09 43.50
CA PHE E 298 -5.36 11.13 43.82
C PHE E 298 -5.10 12.15 44.91
N GLU E 299 -4.04 11.91 45.68
CA GLU E 299 -3.65 12.86 46.72
C GLU E 299 -3.14 14.16 46.11
N LEU E 300 -3.36 15.26 46.83
CA LEU E 300 -2.89 16.56 46.36
C LEU E 300 -1.38 16.57 46.28
N ARG E 301 -0.87 16.77 45.05
CA ARG E 301 0.57 16.88 44.88
C ARG E 301 1.09 18.16 45.54
N PRO E 302 2.34 18.16 45.99
CA PRO E 302 2.89 19.37 46.62
C PRO E 302 2.86 20.56 45.68
N VAL E 303 2.54 21.73 46.24
CA VAL E 303 2.34 22.93 45.45
C VAL E 303 3.70 23.52 45.07
N VAL E 304 3.89 23.80 43.79
CA VAL E 304 5.11 24.42 43.29
C VAL E 304 4.90 25.90 42.98
N GLU E 305 3.72 26.45 43.29
CA GLU E 305 3.39 27.85 43.05
C GLU E 305 3.57 28.21 41.57
N THR E 306 3.17 27.28 40.69
CA THR E 306 3.27 27.52 39.25
C THR E 306 2.01 27.08 38.50
N GLY E 307 0.90 26.81 39.21
CA GLY E 307 -0.32 26.39 38.57
C GLY E 307 -1.47 27.31 38.95
N VAL E 308 -2.47 27.34 38.06
CA VAL E 308 -3.60 28.24 38.25
C VAL E 308 -4.73 27.63 39.08
N GLU E 309 -4.66 26.33 39.40
CA GLU E 309 -5.61 25.68 40.28
C GLU E 309 -7.04 25.79 39.73
N LEU E 310 -7.27 25.07 38.63
CA LEU E 310 -8.59 24.95 38.02
C LEU E 310 -9.69 24.83 39.06
N MET E 311 -9.49 23.96 40.06
CA MET E 311 -10.41 23.84 41.18
C MET E 311 -9.62 23.44 42.41
N SER E 312 -9.82 24.18 43.50
CA SER E 312 -9.11 23.91 44.76
C SER E 312 -9.93 22.91 45.56
N LEU E 313 -9.49 21.66 45.58
CA LEU E 313 -10.17 20.58 46.28
C LEU E 313 -9.16 19.77 47.08
N PRO E 314 -9.60 19.11 48.15
CA PRO E 314 -8.65 18.32 48.95
C PRO E 314 -8.02 17.17 48.18
N TYR E 315 -8.60 16.78 47.05
CA TYR E 315 -8.08 15.70 46.23
C TYR E 315 -7.97 16.16 44.79
N ARG E 316 -7.00 15.62 44.07
CA ARG E 316 -6.80 15.90 42.66
C ARG E 316 -7.20 14.67 41.85
N LEU E 317 -7.69 14.92 40.64
CA LEU E 317 -8.14 13.85 39.76
C LEU E 317 -7.70 14.15 38.34
N VAL E 318 -7.55 13.10 37.54
CA VAL E 318 -6.99 13.17 36.21
C VAL E 318 -8.09 12.84 35.20
N PHE E 319 -8.19 13.63 34.14
CA PHE E 319 -9.08 13.32 33.03
C PHE E 319 -8.29 13.41 31.73
N ALA E 320 -8.97 13.12 30.63
CA ALA E 320 -8.37 13.19 29.31
C ALA E 320 -9.38 13.80 28.35
N VAL E 321 -8.92 14.72 27.52
CA VAL E 321 -9.79 15.48 26.63
C VAL E 321 -9.37 15.12 25.21
N ALA E 322 -10.01 14.09 24.64
CA ALA E 322 -9.60 13.57 23.35
C ALA E 322 -10.15 14.48 22.25
N SER E 323 -9.24 15.12 21.52
CA SER E 323 -9.63 15.85 20.32
C SER E 323 -9.79 14.87 19.17
N GLU E 324 -9.90 15.38 17.94
CA GLU E 324 -10.12 14.49 16.80
C GLU E 324 -8.95 13.54 16.60
N ASP E 325 -7.72 14.03 16.71
CA ASP E 325 -6.55 13.18 16.50
C ASP E 325 -5.50 13.46 17.57
N SER E 326 -5.94 13.60 18.82
CA SER E 326 -5.01 13.83 19.92
C SER E 326 -5.72 13.57 21.23
N VAL E 327 -4.94 13.38 22.28
CA VAL E 327 -5.45 13.21 23.63
C VAL E 327 -4.67 14.14 24.54
N LEU E 328 -5.35 14.74 25.50
CA LEU E 328 -4.76 15.73 26.40
C LEU E 328 -5.11 15.34 27.83
N LEU E 329 -4.22 14.62 28.50
CA LEU E 329 -4.46 14.18 29.87
C LEU E 329 -4.14 15.35 30.80
N TYR E 330 -5.17 16.01 31.32
CA TYR E 330 -4.97 17.13 32.22
C TYR E 330 -4.87 16.62 33.66
N ASP E 331 -4.90 17.56 34.60
CA ASP E 331 -4.99 17.27 36.03
C ASP E 331 -5.90 18.33 36.63
N THR E 332 -5.87 18.46 37.95
CA THR E 332 -6.63 19.51 38.61
C THR E 332 -5.76 20.54 39.32
N GLN E 333 -4.61 20.13 39.85
CA GLN E 333 -3.69 21.05 40.47
C GLN E 333 -2.75 21.73 39.48
N GLN E 334 -2.74 21.28 38.22
CA GLN E 334 -1.85 21.81 37.20
C GLN E 334 -2.66 22.42 36.07
N SER E 335 -2.31 23.65 35.70
CA SER E 335 -3.00 24.33 34.61
C SER E 335 -2.80 23.57 33.29
N PHE E 336 -1.56 23.49 32.83
CA PHE E 336 -1.29 22.83 31.57
C PHE E 336 -1.44 21.31 31.71
N PRO E 337 -1.75 20.61 30.62
CA PRO E 337 -1.89 19.15 30.69
C PRO E 337 -0.59 18.49 31.10
N PHE E 338 -0.71 17.42 31.90
CA PHE E 338 0.46 16.65 32.28
C PHE E 338 0.84 15.62 31.22
N GLY E 339 0.07 15.50 30.15
CA GLY E 339 0.39 14.58 29.07
C GLY E 339 -0.21 15.07 27.77
N TYR E 340 0.17 14.39 26.70
CA TYR E 340 -0.37 14.68 25.37
C TYR E 340 -0.01 13.52 24.45
N VAL E 341 -1.02 12.91 23.84
CA VAL E 341 -0.82 11.78 22.93
C VAL E 341 -1.51 12.13 21.62
N SER E 342 -0.76 12.12 20.53
CA SER E 342 -1.30 12.51 19.23
C SER E 342 -0.74 11.61 18.14
N ASN E 343 -1.36 11.70 16.97
CA ASN E 343 -0.96 11.00 15.76
C ASN E 343 -0.93 9.49 15.92
N ILE E 344 -1.51 8.96 17.01
CA ILE E 344 -1.54 7.51 17.20
C ILE E 344 -2.46 6.86 16.17
N HIS E 345 -3.57 7.51 15.84
CA HIS E 345 -4.57 6.99 14.93
C HIS E 345 -4.69 7.90 13.72
N TYR E 346 -4.68 7.30 12.53
CA TYR E 346 -4.71 8.09 11.31
C TYR E 346 -6.01 8.86 11.17
N HIS E 347 -7.14 8.25 11.51
CA HIS E 347 -8.43 8.91 11.43
C HIS E 347 -8.83 9.43 12.82
N THR E 348 -10.04 10.00 12.88
CA THR E 348 -10.47 10.70 14.07
C THR E 348 -10.70 9.74 15.25
N LEU E 349 -10.45 10.25 16.45
CA LEU E 349 -10.78 9.51 17.65
C LEU E 349 -12.28 9.59 17.93
N SER E 350 -12.81 8.56 18.57
CA SER E 350 -14.23 8.48 18.85
C SER E 350 -14.52 8.49 20.34
N ASP E 351 -13.82 7.68 21.13
CA ASP E 351 -14.08 7.66 22.56
C ASP E 351 -12.83 7.20 23.29
N ILE E 352 -12.78 7.55 24.58
CA ILE E 352 -11.70 7.15 25.47
C ILE E 352 -12.34 6.59 26.73
N SER E 353 -11.54 5.86 27.51
CA SER E 353 -12.05 5.31 28.75
C SER E 353 -10.91 5.03 29.71
N TRP E 354 -11.16 5.26 31.00
CA TRP E 354 -10.19 5.01 32.05
C TRP E 354 -10.54 3.72 32.78
N SER E 355 -9.51 3.01 33.21
CA SER E 355 -9.72 1.79 33.96
C SER E 355 -10.19 2.11 35.39
N SER E 356 -10.69 1.07 36.07
CA SER E 356 -11.15 1.25 37.44
C SER E 356 -9.99 1.65 38.35
N ASP E 357 -8.83 1.03 38.18
CA ASP E 357 -7.66 1.38 38.97
C ASP E 357 -6.96 2.63 38.47
N GLY E 358 -7.27 3.08 37.26
CA GLY E 358 -6.67 4.27 36.70
C GLY E 358 -5.35 4.07 36.00
N ALA E 359 -4.94 2.83 35.76
CA ALA E 359 -3.67 2.56 35.12
C ALA E 359 -3.79 2.43 33.61
N PHE E 360 -4.99 2.56 33.05
CA PHE E 360 -5.22 2.37 31.63
C PHE E 360 -5.94 3.59 31.06
N LEU E 361 -5.76 3.81 29.76
CA LEU E 361 -6.55 4.79 29.03
C LEU E 361 -6.70 4.27 27.61
N ALA E 362 -7.81 3.61 27.33
CA ALA E 362 -8.06 3.02 26.02
C ALA E 362 -8.72 4.04 25.12
N ILE E 363 -8.01 4.46 24.09
CA ILE E 363 -8.47 5.48 23.16
C ILE E 363 -8.97 4.79 21.90
N SER E 364 -10.23 4.97 21.58
CA SER E 364 -10.79 4.39 20.37
C SER E 364 -10.42 5.24 19.16
N SER E 365 -10.91 4.83 17.99
CA SER E 365 -10.66 5.59 16.77
C SER E 365 -11.58 5.08 15.68
N THR E 366 -11.77 5.92 14.66
CA THR E 366 -12.64 5.59 13.54
C THR E 366 -11.89 4.83 12.44
N ASP E 367 -10.57 4.73 12.53
CA ASP E 367 -9.83 3.98 11.51
C ASP E 367 -9.94 2.48 11.68
N GLY E 368 -10.33 1.99 12.86
CA GLY E 368 -10.55 0.59 13.10
C GLY E 368 -9.81 0.02 14.29
N TYR E 369 -8.79 0.71 14.79
CA TYR E 369 -7.98 0.22 15.90
C TYR E 369 -8.11 1.16 17.09
N CYS E 370 -7.75 0.64 18.26
CA CYS E 370 -7.79 1.41 19.50
C CYS E 370 -6.44 1.33 20.19
N SER E 371 -5.94 2.48 20.62
CA SER E 371 -4.66 2.57 21.31
C SER E 371 -4.88 2.57 22.81
N PHE E 372 -3.94 1.99 23.54
CA PHE E 372 -4.01 1.90 24.99
C PHE E 372 -2.86 2.69 25.60
N VAL E 373 -3.19 3.62 26.49
CA VAL E 373 -2.21 4.37 27.25
C VAL E 373 -2.14 3.76 28.64
N THR E 374 -0.97 3.24 28.99
CA THR E 374 -0.78 2.49 30.24
C THR E 374 0.18 3.24 31.15
N PHE E 375 -0.11 3.19 32.44
CA PHE E 375 0.71 3.85 33.46
C PHE E 375 1.27 2.82 34.44
N GLU E 376 2.34 3.22 35.12
CA GLU E 376 2.90 2.39 36.17
C GLU E 376 2.03 2.45 37.41
N LYS E 377 2.32 1.55 38.36
CA LYS E 377 1.57 1.55 39.62
C LYS E 377 1.90 2.80 40.43
N ASP E 378 0.87 3.52 40.85
CA ASP E 378 1.02 4.78 41.57
C ASP E 378 1.93 5.75 40.82
N GLU E 379 1.71 5.85 39.50
CA GLU E 379 2.52 6.71 38.65
C GLU E 379 1.93 8.10 38.48
N LEU E 380 0.63 8.20 38.21
CA LEU E 380 -0.01 9.51 38.14
C LEU E 380 0.05 10.22 39.48
N GLY E 381 -0.18 9.48 40.56
CA GLY E 381 -0.11 10.07 41.88
C GLY E 381 -0.32 9.00 42.93
N ILE E 382 -0.66 9.44 44.14
CA ILE E 382 -0.95 8.52 45.23
C ILE E 382 -2.46 8.46 45.42
N PRO E 383 -3.12 7.39 45.01
CA PRO E 383 -4.57 7.28 45.21
C PRO E 383 -4.91 7.31 46.69
N LEU E 384 -6.04 7.96 47.00
CA LEU E 384 -6.48 8.06 48.37
C LEU E 384 -6.87 6.69 48.93
N LYS E 385 -6.45 6.41 50.16
CA LYS E 385 -6.81 5.15 50.79
C LYS E 385 -8.32 5.04 50.99
N GLU E 386 -8.95 6.14 51.39
CA GLU E 386 -10.40 6.20 51.57
C GLU E 386 -10.96 7.17 50.55
N LYS E 387 -11.90 6.70 49.73
CA LYS E 387 -12.51 7.54 48.72
C LYS E 387 -13.52 8.47 49.37
N PRO E 388 -13.38 9.79 49.22
CA PRO E 388 -14.36 10.71 49.84
C PRO E 388 -15.75 10.49 49.28
N VAL E 389 -16.74 10.63 50.16
CA VAL E 389 -18.13 10.46 49.75
C VAL E 389 -18.64 11.74 49.11
N LEU E 390 -19.71 11.61 48.31
CA LEU E 390 -20.33 12.73 47.63
C LEU E 390 -21.75 12.92 48.18
N ASN E 391 -22.07 14.16 48.53
CA ASN E 391 -23.37 14.48 49.11
C ASN E 391 -24.44 14.41 48.03
N MET E 392 -25.19 13.31 48.01
CA MET E 392 -26.24 13.12 47.02
C MET E 392 -27.54 13.80 47.47
#